data_7NNH
#
_entry.id   7NNH
#
_cell.length_a   1.00
_cell.length_b   1.00
_cell.length_c   1.00
_cell.angle_alpha   90.00
_cell.angle_beta   90.00
_cell.angle_gamma   90.00
#
_symmetry.space_group_name_H-M   'P 1'
#
_entity_poly.entity_id   1
_entity_poly.type   'polypeptide(L)'
_entity_poly.pdbx_seq_one_letter_code
;MDSTSTIANKIEEYLGAKSDDSKIDELLKADPSEVEYYRSGGDGDYLKNNICKITVNHSDSGKYDPCEKKLPPYDDNDQW
KCQQNSSDGSGKPENICVPPRRERLCTYNLENLKFDKIRDNNAFLADVLLTARNEGEKIVQNHPDTNSSNVCNALERSFA
DLADIIRGTDQWKGTNSNLEKNLKQMFAKIRENDKVLQDKYPKDQKYTKLREAWWNANRQKVWEVITCGARSNDLLIKRG
WRTSGKSDRKKNFELCRKCGHYEKEVPTKLDYVPQFLRWLTEWIEDFYREKQNLIDDMERHREECTREDHKSKEGTSYCS
TCKDKCKKYCECVKKWKTEWENQENKYKDLYEQNKNKTSQKNTSRYDDYVKDFFEKLEANYSSLENYIKGDPYFAEYATK
LSFILNPSDANNPSGETANHNDEACNCNESGISSVGQAQTSGPSSNKTCITHSSIKTNKKKECKDVKLGVRENDKDLKIC
VIEDTSLSGVDNCCCQDLLGILQENCSDNKRGSSSNDSCDNKNQDECQKKLEKVFASLTNGYKCDKCKSGTSRSKKKWIW
KKSSGNEEGLQEEYANTIGLPPRTQSLYLGNLPKLENVCEDVKDINFDTKEKFLAGCLIVSFHEGKNLKKRYPQNKNSGN
KENLCKALEYSFADYGDLIKGTSIWDNEYTKDLELNLQNNFGKLFGKYIKKNNTAEQDTSYSSLDELRESWWNTNKKYIW
TAMKHGAEMNITTCNADGSVTGSGSSCDDIPTIDLIPQYLRFLQEWVENFCEQRQAKVKDVITNCKSCKESGNKCKTECK
TKCKDECEKYKKFIEACGTAGGGIGTAGSPWSKRWDQIYKRYSKHIEDAKRNRKAGTKNCGTSSTTNAAASTDENKCVQS
DIDSFFKHLIDIGLTTPSSYLSNVLDDNICGADKAPWTTYTTYTTTEKCNKERDKSKSQSSDTLVVVNVPSPLGNTPYRY
KYACQCKIPTNEETCDDRKEYMNQWSCGSARTMKRGYKNDNYELCKYNGVDVKPTTVRSNSSKLDGNDVTFFNLFEQWNK
EIQYQIEQYMTNANISCIDEKEVLDSVSDEGTPKVRGGYEDGRNNNTDQGTNCKEKCKCYKLWIEKINDQWGKQKDNYNK
FRSKQIYDANKGSQNKKVVSLSNFLFFSCWEEYIQKYFNGDWSKIKNIGSDTFEFLIKKCGNNSAHGEEIFSEKLKNAEK
KCKENESTDTNINKSETSCDLNATNYIRGCQSKTYDGKIFPGKGGEKQWICKDTIIHGDTNGACIPPRTQNLCVGELWDK
SYGGRSNIKNDTKELLKEKIKNAIHKETELLYEYHDTGTAIISKNDKKGQKGKNDPNGLPKGFCHAVQRSFIDYKNMILG
TSVNIYEHIGKLQEDIKKIIEKGTPQQKDKIGGVGSSTENVNAWWKGIEREMWDAVRCAITKINKKNNNSIFNGDECGVS
PPTGNDEDQSVSWFKEWGEQFCIERLRYEQNIREACTINGKNEKKCINSKSGQGDKIQGACKRKCEKYKKYISEKKQEWD
KQKTKYENKYVGKSASDLLKENYPECISANFDFIFNDNIEYKTYYPYGDYSSICSCEQVKYYKYNNAEKKNNKSLCYEKD
NDMTWSKKYIKKLENGRSLEGVYVPPRRQQLCLYELFPIIIKNEEGMEKAKEELLETLQIVAEREAYYLWKQYNPTGKGI
DDANKKACCAIRGSFYDLEDIIKGNDLVHDEYTKYIDSKLNEIFGSSNTNDIDTKRARTDWWENETITNGTDRKTIRQLV
WDAMQSGVRYAVEEKNENFPLCMGVEHIGIAKPQFIRWLEEWTNEFCEKYTKYFEDMKSKCDPPKRADTCGDNSNIECKK
ACANYTNWLNPKRIEWNGMSNYYNKIYRKSNKESEDGKDYSMIMAPTVIDYLNKRCHGEINGNYICCSCKNIGAYNTTSG
TVNKKLQKKETECEEEKGPLDLMNEVLNKMDKKYSAHKMKCTEVYLEHVEEQLNEIDNAIKDYKLYPLDRCFDDQTKMKV
CDLIADAIGCKDKTKLDELDEWNDMDLRGTYNKHKGVLIPPRRRQLCFSRIVRGPANLRSLNEFKEEILKGAQSEGKFLG
NYYKEHKDKEKALEAMKNSFYDYEDIIKGTDMLTNIEFKDIKIKLDRLLEKETNNTKKAEDWWKTNKKSIWNAMLCGYKK
SGNKIIDPSWCTIPTTETPPQFLRWIKEWGTNVCIQKQEHKEYVKSKCSNVTNLGAQASESNNCTSEIKKYQEWSRKRSI
QWETISKRYKKYKRMDILKDVKEPDANTYLREHCSKCPCGFNDMEEMNNNEDNEKEAFKQIKEQVKIPAELEDVIYRIKH
HEYDKGNDYICNKYKNIHDRMKKNNGNFVTDNFVKKSWEISNGVLIPPRRKNLFLYIDPSKICEYKKDPKLFKDFIYWSA
FTEVERLKKAYGGARAKVVHAMKYSFTDIGSIIKGDDMMEKNSSDKIGKILGDTDGQNEKRKKWWDMNKYHIWESMLCGY
REAEGDTETNENCRFPDIESVPQFLRWFQEWSENFCDRRQKLYDKLNSECISAECTNGSVDNSKCTHACVNYKNYILTKK
TEYEIQTNKYDNEFKNKNSNDKDAPDYLKEKCNDNKCECLNKHIDDKNKTWKNPYETLEDTFKSKCDCPKPLPSPIKPDD
LPPQADEPF
;
_entity_poly.pdbx_strand_id   X
#
# COMPACT_ATOMS: atom_id res chain seq x y z
N TYR A 1986 20.01 24.75 31.16
CA TYR A 1986 21.45 24.61 31.21
C TYR A 1986 21.95 23.35 31.94
N PRO A 1987 21.66 23.22 33.24
CA PRO A 1987 22.22 22.08 33.99
C PRO A 1987 21.27 20.91 34.09
N LEU A 1988 20.17 20.94 33.34
CA LEU A 1988 19.02 20.07 33.57
C LEU A 1988 19.37 18.63 33.20
N ASP A 1989 18.38 17.73 33.24
CA ASP A 1989 18.61 16.31 32.96
C ASP A 1989 19.48 16.13 31.71
N ARG A 1990 18.99 16.56 30.55
CA ARG A 1990 19.86 16.96 29.46
C ARG A 1990 20.89 15.90 29.07
N CYS A 1991 20.51 14.94 28.23
CA CYS A 1991 21.18 13.67 27.93
C CYS A 1991 22.69 13.79 28.10
N PHE A 1992 23.31 12.73 28.61
CA PHE A 1992 24.56 12.72 29.35
C PHE A 1992 25.60 13.70 28.85
N ASP A 1993 25.61 13.98 27.54
CA ASP A 1993 26.44 15.03 26.96
C ASP A 1993 26.58 16.25 27.86
N ASP A 1994 25.44 16.80 28.30
CA ASP A 1994 25.45 17.93 29.23
C ASP A 1994 26.07 17.58 30.57
N GLN A 1995 25.44 16.67 31.32
CA GLN A 1995 25.85 16.37 32.68
C GLN A 1995 26.92 15.28 32.66
N THR A 1996 28.11 15.64 32.19
CA THR A 1996 29.23 14.71 32.09
C THR A 1996 30.48 15.39 32.64
N LYS A 1997 30.41 16.71 32.81
CA LYS A 1997 31.60 17.55 32.94
C LYS A 1997 32.35 17.46 31.62
N MET A 1998 31.60 17.33 30.53
CA MET A 1998 32.14 17.07 29.20
C MET A 1998 32.59 18.40 28.61
N LYS A 1999 33.53 19.05 29.27
CA LYS A 1999 34.15 20.25 28.72
C LYS A 1999 35.17 19.89 27.65
N VAL A 2000 35.48 18.60 27.48
CA VAL A 2000 36.44 18.18 26.47
C VAL A 2000 36.01 18.64 25.10
N CYS A 2001 34.80 18.26 24.68
CA CYS A 2001 34.27 18.72 23.40
C CYS A 2001 34.17 20.23 23.37
N ASP A 2002 33.88 20.86 24.52
CA ASP A 2002 33.87 22.31 24.59
C ASP A 2002 35.26 22.86 24.29
N LEU A 2003 36.31 22.17 24.76
CA LEU A 2003 37.66 22.56 24.41
C LEU A 2003 37.99 22.22 22.96
N ILE A 2004 37.29 21.25 22.39
CA ILE A 2004 37.48 20.90 20.98
C ILE A 2004 36.81 21.94 20.11
N ALA A 2005 37.56 22.45 19.14
CA ALA A 2005 37.09 23.45 18.20
C ALA A 2005 36.43 22.76 17.00
N ASP A 2006 36.23 23.52 15.93
CA ASP A 2006 35.65 23.00 14.71
C ASP A 2006 36.76 22.71 13.71
N ALA A 2007 36.45 21.91 12.71
CA ALA A 2007 37.44 21.57 11.70
C ALA A 2007 37.67 22.77 10.77
N ILE A 2008 38.84 22.77 10.14
CA ILE A 2008 39.14 23.82 9.17
C ILE A 2008 38.30 23.62 7.91
N GLY A 2009 37.70 22.45 7.75
CA GLY A 2009 36.82 22.20 6.63
C GLY A 2009 35.48 22.88 6.82
N CYS A 2010 34.44 22.19 6.35
CA CYS A 2010 33.07 22.71 6.37
C CYS A 2010 32.99 24.06 5.68
N LYS A 2011 33.35 24.11 4.40
CA LYS A 2011 33.15 25.30 3.59
C LYS A 2011 31.68 25.69 3.53
N ASP A 2012 30.79 24.74 3.80
CA ASP A 2012 29.38 25.00 4.04
C ASP A 2012 29.02 24.24 5.33
N LYS A 2013 27.97 24.69 5.99
CA LYS A 2013 27.44 23.93 7.13
C LYS A 2013 26.08 23.37 6.76
N THR A 2014 25.38 24.09 5.88
CA THR A 2014 24.10 23.64 5.34
C THR A 2014 23.72 24.42 4.09
N LYS A 2015 23.67 23.74 2.95
CA LYS A 2015 23.08 24.34 1.75
C LYS A 2015 21.70 23.74 1.53
N LEU A 2016 21.10 24.01 0.38
CA LEU A 2016 19.75 23.55 0.07
C LEU A 2016 19.66 22.05 0.26
N ASP A 2017 18.64 21.64 1.02
CA ASP A 2017 18.39 20.26 1.38
C ASP A 2017 17.47 19.61 0.34
N GLU A 2018 16.87 18.50 0.75
CA GLU A 2018 16.20 17.54 -0.13
C GLU A 2018 15.41 18.21 -1.25
N LEU A 2019 15.83 17.96 -2.49
CA LEU A 2019 15.27 18.53 -3.71
C LEU A 2019 15.84 17.79 -4.92
N ASP A 2020 15.58 18.31 -6.12
CA ASP A 2020 16.15 17.78 -7.34
C ASP A 2020 17.59 18.24 -7.52
N GLU A 2021 18.53 17.54 -6.89
CA GLU A 2021 19.94 17.77 -7.16
C GLU A 2021 20.69 16.46 -7.34
N TRP A 2022 20.22 15.41 -6.69
CA TRP A 2022 20.91 14.12 -6.74
C TRP A 2022 20.51 13.35 -7.99
N ASN A 2023 21.10 13.68 -9.13
CA ASN A 2023 20.75 12.90 -10.31
C ASN A 2023 21.91 12.13 -10.92
N ASP A 2024 22.89 12.82 -11.49
CA ASP A 2024 24.05 12.16 -12.05
C ASP A 2024 25.27 13.07 -11.89
N MET A 2025 25.07 14.22 -11.25
CA MET A 2025 26.10 15.25 -11.23
C MET A 2025 27.15 14.95 -10.17
N ASP A 2026 27.15 13.72 -9.67
CA ASP A 2026 28.08 13.29 -8.65
C ASP A 2026 29.39 12.75 -9.21
N LEU A 2027 29.39 12.16 -10.38
CA LEU A 2027 30.59 11.55 -10.96
C LEU A 2027 30.60 11.70 -12.47
N ARG A 2028 31.80 11.63 -13.05
CA ARG A 2028 31.99 11.53 -14.48
C ARG A 2028 32.65 10.20 -14.81
N GLY A 2029 32.32 9.65 -15.97
CA GLY A 2029 32.69 8.27 -16.24
C GLY A 2029 32.06 7.32 -15.24
N THR A 2030 30.76 7.48 -14.99
CA THR A 2030 30.13 6.84 -13.85
C THR A 2030 30.05 5.33 -14.00
N TYR A 2031 30.34 4.80 -15.19
CA TYR A 2031 30.13 3.38 -15.46
C TYR A 2031 31.02 2.49 -14.61
N ASN A 2032 32.06 3.04 -14.00
CA ASN A 2032 33.05 2.25 -13.27
C ASN A 2032 32.45 1.73 -11.97
N LYS A 2033 32.52 0.40 -11.79
CA LYS A 2033 32.20 -0.31 -10.56
C LYS A 2033 30.69 -0.36 -10.30
N HIS A 2034 29.94 0.43 -11.06
CA HIS A 2034 28.48 0.38 -11.09
C HIS A 2034 27.98 1.46 -12.06
N LYS A 2035 26.69 1.49 -12.34
CA LYS A 2035 26.10 2.63 -13.04
C LYS A 2035 26.01 3.82 -12.10
N GLY A 2036 26.05 5.02 -12.68
CA GLY A 2036 25.85 6.23 -11.89
C GLY A 2036 24.48 6.25 -11.23
N VAL A 2037 24.47 6.59 -9.95
CA VAL A 2037 23.26 6.49 -9.15
C VAL A 2037 22.98 7.77 -8.38
N LEU A 2038 21.83 7.81 -7.72
CA LEU A 2038 21.49 8.91 -6.84
C LEU A 2038 22.32 8.84 -5.56
N ILE A 2039 22.39 9.96 -4.87
CA ILE A 2039 23.25 10.10 -3.69
C ILE A 2039 22.51 10.83 -2.59
N PRO A 2040 22.90 10.65 -1.33
CA PRO A 2040 22.29 11.41 -0.24
C PRO A 2040 22.92 12.78 -0.16
N PRO A 2041 22.70 13.55 0.91
CA PRO A 2041 23.53 14.74 1.11
C PRO A 2041 24.97 14.35 1.41
N ARG A 2042 25.56 13.54 0.53
CA ARG A 2042 26.90 13.04 0.73
C ARG A 2042 27.90 14.09 0.28
N ARG A 2043 27.96 14.40 -1.02
CA ARG A 2043 28.87 15.45 -1.45
C ARG A 2043 28.49 16.79 -0.84
N ARG A 2044 27.26 16.91 -0.34
CA ARG A 2044 26.80 18.10 0.32
C ARG A 2044 27.28 18.21 1.76
N GLN A 2045 27.78 17.11 2.35
CA GLN A 2045 28.51 17.22 3.62
C GLN A 2045 29.50 16.07 3.81
N LEU A 2046 30.77 16.32 3.45
CA LEU A 2046 31.93 15.58 3.93
C LEU A 2046 33.07 16.50 4.33
N CYS A 2047 32.82 17.46 5.23
CA CYS A 2047 33.77 18.53 5.58
C CYS A 2047 35.21 18.05 5.54
N PHE A 2048 36.06 18.79 4.82
CA PHE A 2048 37.34 18.25 4.42
C PHE A 2048 38.47 19.02 5.10
N SER A 2049 38.80 18.63 6.33
CA SER A 2049 39.92 19.22 7.05
C SER A 2049 41.24 18.57 6.74
N ARG A 2050 41.22 17.38 6.15
CA ARG A 2050 42.42 16.67 5.70
C ARG A 2050 42.86 17.12 4.30
N ILE A 2051 42.94 18.45 4.12
CA ILE A 2051 43.29 19.02 2.83
C ILE A 2051 44.66 18.53 2.38
N VAL A 2052 45.62 18.48 3.31
CA VAL A 2052 46.98 18.08 2.96
C VAL A 2052 47.03 16.60 2.59
N ARG A 2053 46.26 15.75 3.27
CA ARG A 2053 46.41 14.30 3.20
C ARG A 2053 47.84 13.89 3.58
N GLY A 2054 48.36 14.55 4.61
CA GLY A 2054 49.73 14.36 5.02
C GLY A 2054 49.96 13.03 5.73
N PRO A 2055 51.16 12.86 6.29
CA PRO A 2055 51.50 11.61 6.95
C PRO A 2055 50.74 11.42 8.26
N ALA A 2056 50.75 10.18 8.74
CA ALA A 2056 50.03 9.83 9.95
C ALA A 2056 50.84 10.22 11.18
N ASN A 2057 51.33 11.46 11.21
CA ASN A 2057 51.93 12.04 12.39
C ASN A 2057 51.04 13.09 13.06
N LEU A 2058 50.41 13.97 12.29
CA LEU A 2058 49.25 14.72 12.77
C LEU A 2058 47.99 13.88 12.78
N ARG A 2059 48.08 12.62 12.35
CA ARG A 2059 46.93 11.74 12.19
C ARG A 2059 47.04 10.52 13.10
N SER A 2060 47.62 10.70 14.29
CA SER A 2060 47.65 9.61 15.27
C SER A 2060 46.25 9.17 15.67
N LEU A 2061 45.35 10.13 15.90
CA LEU A 2061 43.92 9.88 16.04
C LEU A 2061 43.21 10.85 15.12
N ASN A 2062 44.02 11.63 14.41
CA ASN A 2062 43.67 12.47 13.28
C ASN A 2062 42.90 13.73 13.67
N GLU A 2063 42.26 13.72 14.84
CA GLU A 2063 41.58 14.89 15.37
C GLU A 2063 40.73 15.66 14.36
N PHE A 2064 40.28 15.02 13.28
CA PHE A 2064 39.37 15.74 12.38
C PHE A 2064 38.16 14.90 12.02
N LYS A 2065 38.33 13.58 11.92
CA LYS A 2065 37.24 12.71 11.53
C LYS A 2065 36.16 12.67 12.59
N GLU A 2066 36.42 13.26 13.74
CA GLU A 2066 35.43 13.49 14.78
C GLU A 2066 35.17 14.99 14.88
N GLU A 2067 36.18 15.79 14.55
CA GLU A 2067 36.04 17.24 14.59
C GLU A 2067 35.13 17.75 13.48
N ILE A 2068 35.17 17.10 12.31
CA ILE A 2068 34.30 17.52 11.22
C ILE A 2068 32.83 17.40 11.61
N LEU A 2069 32.51 16.43 12.46
CA LEU A 2069 31.13 16.23 12.84
C LEU A 2069 30.69 17.21 13.92
N LYS A 2070 31.63 17.95 14.52
CA LYS A 2070 31.28 18.95 15.52
C LYS A 2070 30.22 19.90 14.99
N GLY A 2071 29.09 19.96 15.69
CA GLY A 2071 27.89 20.57 15.18
C GLY A 2071 26.83 19.52 14.98
N ALA A 2072 25.64 19.71 15.54
CA ALA A 2072 24.65 18.65 15.57
C ALA A 2072 23.25 19.16 15.87
N GLN A 2073 22.32 18.25 16.19
CA GLN A 2073 20.96 18.61 16.56
C GLN A 2073 20.98 19.67 17.66
N SER A 2074 20.46 20.85 17.32
CA SER A 2074 20.77 22.07 18.06
C SER A 2074 19.78 23.16 17.68
N GLU A 2075 20.19 24.42 17.86
CA GLU A 2075 19.41 25.57 17.42
C GLU A 2075 19.04 25.50 15.93
N GLY A 2076 19.50 24.49 15.20
CA GLY A 2076 19.07 24.29 13.84
C GLY A 2076 20.01 24.70 12.73
N LYS A 2077 21.23 24.17 12.75
CA LYS A 2077 22.12 24.20 11.61
C LYS A 2077 23.05 22.98 11.62
N PHE A 2078 24.04 22.94 10.72
CA PHE A 2078 24.93 21.77 10.58
C PHE A 2078 24.13 20.52 10.20
N LEU A 2079 23.75 20.47 8.92
CA LEU A 2079 23.19 19.26 8.33
C LEU A 2079 21.85 18.92 8.96
N GLY A 2080 20.86 19.76 8.69
CA GLY A 2080 19.56 19.64 9.33
C GLY A 2080 18.99 20.98 9.70
N ASN A 2081 19.67 22.06 9.27
CA ASN A 2081 19.25 23.42 9.59
C ASN A 2081 17.74 23.60 9.49
N TYR A 2082 17.12 22.93 8.52
CA TYR A 2082 15.73 23.25 8.19
C TYR A 2082 14.76 22.73 9.25
N TYR A 2083 15.18 21.74 10.05
CA TYR A 2083 14.23 21.14 10.99
C TYR A 2083 13.75 22.17 12.01
N LYS A 2084 14.63 23.09 12.41
CA LYS A 2084 14.24 24.14 13.34
C LYS A 2084 13.10 24.96 12.76
N GLU A 2085 13.13 25.22 11.45
CA GLU A 2085 12.00 25.85 10.80
C GLU A 2085 10.90 24.84 10.54
N HIS A 2086 11.27 23.59 10.27
CA HIS A 2086 10.28 22.56 9.98
C HIS A 2086 9.64 22.02 11.25
N LYS A 2087 10.29 22.25 12.39
CA LYS A 2087 9.83 21.79 13.70
C LYS A 2087 9.68 20.28 13.71
N ASP A 2088 10.79 19.57 13.48
CA ASP A 2088 10.80 18.12 13.55
C ASP A 2088 12.20 17.59 13.82
N LYS A 2089 12.47 17.18 15.06
CA LYS A 2089 13.79 16.70 15.44
C LYS A 2089 14.20 15.47 14.64
N GLU A 2090 13.22 14.68 14.19
CA GLU A 2090 13.53 13.45 13.47
C GLU A 2090 14.28 13.74 12.18
N LYS A 2091 14.04 14.89 11.56
CA LYS A 2091 14.79 15.26 10.37
C LYS A 2091 16.29 15.34 10.67
N ALA A 2092 16.65 16.08 11.71
CA ALA A 2092 18.05 16.18 12.10
C ALA A 2092 18.60 14.83 12.52
N LEU A 2093 17.81 14.03 13.23
CA LEU A 2093 18.29 12.72 13.67
C LEU A 2093 18.59 11.82 12.48
N GLU A 2094 17.70 11.81 11.47
CA GLU A 2094 17.95 11.01 10.28
C GLU A 2094 19.16 11.52 9.52
N ALA A 2095 19.32 12.84 9.42
CA ALA A 2095 20.49 13.38 8.77
C ALA A 2095 21.76 12.92 9.47
N MET A 2096 21.77 12.99 10.79
CA MET A 2096 22.92 12.52 11.57
C MET A 2096 23.19 11.04 11.30
N LYS A 2097 22.14 10.21 11.34
CA LYS A 2097 22.33 8.77 11.14
C LYS A 2097 22.89 8.46 9.76
N ASN A 2098 22.31 9.09 8.73
CA ASN A 2098 22.77 8.81 7.38
C ASN A 2098 24.21 9.27 7.18
N SER A 2099 24.55 10.49 7.60
CA SER A 2099 25.93 10.94 7.48
C SER A 2099 26.88 10.06 8.28
N PHE A 2100 26.45 9.65 9.48
CA PHE A 2100 27.27 8.80 10.34
C PHE A 2100 27.60 7.47 9.67
N TYR A 2101 26.58 6.78 9.17
CA TYR A 2101 26.84 5.52 8.49
C TYR A 2101 27.58 5.73 7.17
N ASP A 2102 27.44 6.90 6.57
CA ASP A 2102 28.26 7.22 5.41
C ASP A 2102 29.74 7.30 5.79
N TYR A 2103 30.03 7.92 6.92
CA TYR A 2103 31.41 7.94 7.41
C TYR A 2103 31.90 6.54 7.72
N GLU A 2104 31.03 5.71 8.29
CA GLU A 2104 31.40 4.31 8.50
C GLU A 2104 31.74 3.63 7.19
N ASP A 2105 30.93 3.87 6.14
CA ASP A 2105 31.23 3.34 4.82
C ASP A 2105 32.59 3.78 4.34
N ILE A 2106 32.87 5.08 4.46
CA ILE A 2106 34.13 5.61 3.95
C ILE A 2106 35.31 5.01 4.70
N ILE A 2107 35.18 4.89 6.02
CA ILE A 2107 36.24 4.28 6.82
C ILE A 2107 36.49 2.85 6.36
N LYS A 2108 35.43 2.05 6.26
CA LYS A 2108 35.58 0.71 5.69
C LYS A 2108 35.96 0.79 4.22
N GLY A 2109 35.32 1.70 3.47
CA GLY A 2109 35.58 1.89 2.06
C GLY A 2109 34.50 1.18 1.25
N THR A 2110 33.48 1.93 0.84
CA THR A 2110 32.40 1.35 0.06
C THR A 2110 31.89 2.36 -0.96
N ASP A 2111 32.55 3.51 -1.05
CA ASP A 2111 32.09 4.58 -1.92
C ASP A 2111 32.32 4.23 -3.39
N MET A 2112 31.41 4.66 -4.25
CA MET A 2112 31.59 4.56 -5.69
C MET A 2112 31.86 5.92 -6.32
N LEU A 2113 32.32 6.89 -5.53
CA LEU A 2113 32.47 8.26 -6.00
C LEU A 2113 33.93 8.67 -5.85
N THR A 2114 34.45 9.39 -6.84
CA THR A 2114 35.84 9.83 -6.81
C THR A 2114 36.02 10.89 -5.74
N ASN A 2115 36.49 10.48 -4.58
CA ASN A 2115 36.78 11.39 -3.48
C ASN A 2115 38.16 11.06 -2.94
N ILE A 2116 38.91 12.12 -2.61
CA ILE A 2116 40.29 11.93 -2.19
C ILE A 2116 40.36 11.08 -0.92
N GLU A 2117 39.52 11.39 0.06
CA GLU A 2117 39.49 10.57 1.28
C GLU A 2117 39.05 9.15 0.96
N PHE A 2118 38.09 8.98 0.06
CA PHE A 2118 37.70 7.65 -0.40
C PHE A 2118 38.90 6.89 -0.98
N LYS A 2119 39.84 7.61 -1.60
CA LYS A 2119 41.01 6.97 -2.17
C LYS A 2119 41.94 6.46 -1.08
N ASP A 2120 43.11 5.94 -1.47
CA ASP A 2120 44.04 5.27 -0.58
C ASP A 2120 44.21 5.96 0.77
N ILE A 2121 44.05 7.29 0.82
CA ILE A 2121 44.32 8.05 2.04
C ILE A 2121 43.61 7.44 3.25
N LYS A 2122 42.38 6.96 3.06
CA LYS A 2122 41.72 6.26 4.16
C LYS A 2122 42.54 5.05 4.61
N ILE A 2123 42.74 4.08 3.72
CA ILE A 2123 43.46 2.88 4.09
C ILE A 2123 44.95 3.16 4.23
N LYS A 2124 45.45 4.20 3.56
CA LYS A 2124 46.84 4.60 3.76
C LYS A 2124 47.08 5.03 5.21
N LEU A 2125 46.21 5.92 5.71
CA LEU A 2125 46.32 6.34 7.11
C LEU A 2125 46.09 5.16 8.03
N ASP A 2126 45.14 4.28 7.71
CA ASP A 2126 44.91 3.10 8.53
C ASP A 2126 46.16 2.25 8.64
N ARG A 2127 46.79 1.94 7.50
CA ARG A 2127 47.98 1.11 7.51
C ARG A 2127 49.14 1.80 8.23
N LEU A 2128 49.30 3.12 8.00
CA LEU A 2128 50.38 3.85 8.65
C LEU A 2128 50.22 3.82 10.16
N LEU A 2129 48.99 4.04 10.64
CA LEU A 2129 48.73 3.90 12.06
C LEU A 2129 48.92 2.46 12.52
N GLU A 2130 48.78 1.52 11.59
CA GLU A 2130 48.88 0.10 11.95
C GLU A 2130 50.33 -0.35 12.02
N LYS A 2131 51.27 0.49 11.61
CA LYS A 2131 52.66 0.08 11.47
C LYS A 2131 53.28 -0.10 12.84
N GLU A 2132 52.84 -1.14 13.56
CA GLU A 2132 53.49 -1.58 14.79
C GLU A 2132 53.57 -3.09 14.85
N THR A 2133 53.83 -3.74 13.71
CA THR A 2133 53.94 -5.19 13.52
C THR A 2133 52.79 -5.95 14.17
N ASN A 2134 51.64 -5.28 14.36
CA ASN A 2134 50.46 -5.91 14.92
C ASN A 2134 49.22 -5.37 14.20
N ASN A 2135 48.07 -5.56 14.85
CA ASN A 2135 46.78 -4.94 14.54
C ASN A 2135 46.44 -4.86 13.06
N THR A 2136 46.33 -6.01 12.40
CA THR A 2136 45.94 -6.03 10.99
C THR A 2136 44.43 -6.23 10.87
N LYS A 2137 43.70 -5.80 11.89
CA LYS A 2137 42.25 -5.79 11.90
C LYS A 2137 41.77 -4.39 11.53
N LYS A 2138 42.42 -3.82 10.53
CA LYS A 2138 42.36 -2.42 10.14
C LYS A 2138 40.99 -1.75 10.27
N ALA A 2139 39.96 -2.25 9.60
CA ALA A 2139 38.65 -1.61 9.70
C ALA A 2139 38.05 -1.78 11.08
N GLU A 2140 38.07 -3.03 11.59
CA GLU A 2140 37.41 -3.33 12.85
C GLU A 2140 38.01 -2.53 14.01
N ASP A 2141 39.32 -2.27 13.98
CA ASP A 2141 39.90 -1.49 15.06
C ASP A 2141 39.85 0.00 14.77
N TRP A 2142 39.89 0.39 13.48
CA TRP A 2142 40.04 1.80 13.18
C TRP A 2142 38.67 2.48 13.22
N TRP A 2143 37.60 1.69 13.30
CA TRP A 2143 36.30 2.13 12.85
C TRP A 2143 35.82 3.43 13.51
N LYS A 2144 36.15 3.69 14.78
CA LYS A 2144 36.08 5.10 15.21
C LYS A 2144 37.45 5.77 15.15
N THR A 2145 38.34 5.47 16.11
CA THR A 2145 39.75 5.72 15.90
C THR A 2145 40.57 4.46 16.15
N ASN A 2146 40.66 4.03 17.42
CA ASN A 2146 40.87 2.63 17.77
C ASN A 2146 40.20 2.26 19.10
N LYS A 2147 39.91 3.24 19.95
CA LYS A 2147 39.65 2.95 21.36
C LYS A 2147 38.17 2.98 21.73
N LYS A 2148 37.54 4.14 21.56
CA LYS A 2148 36.15 4.29 21.97
C LYS A 2148 35.28 3.95 20.76
N SER A 2149 34.21 3.21 21.02
CA SER A 2149 33.54 2.42 20.00
C SER A 2149 33.21 3.21 18.73
N ILE A 2150 32.24 4.13 18.80
CA ILE A 2150 31.93 4.95 17.63
C ILE A 2150 31.11 6.15 18.08
N TRP A 2151 30.86 7.10 17.16
CA TRP A 2151 29.69 7.98 17.21
C TRP A 2151 29.81 9.08 18.25
N ASN A 2152 30.93 9.12 18.96
CA ASN A 2152 31.20 10.12 19.98
C ASN A 2152 31.36 11.53 19.42
N ALA A 2153 31.18 11.71 18.11
CA ALA A 2153 31.43 13.00 17.47
C ALA A 2153 30.18 13.84 17.32
N MET A 2154 29.00 13.23 17.19
CA MET A 2154 27.75 13.99 17.11
C MET A 2154 27.44 14.75 18.40
N LEU A 2155 27.71 14.13 19.54
CA LEU A 2155 27.49 14.78 20.84
C LEU A 2155 28.32 16.04 20.92
N CYS A 2156 27.84 17.01 21.69
CA CYS A 2156 28.41 18.35 21.73
C CYS A 2156 28.39 18.96 20.34
N GLY A 2157 27.21 19.19 19.79
CA GLY A 2157 27.11 19.82 18.48
C GLY A 2157 27.23 21.32 18.58
N TYR A 2158 26.44 22.04 17.80
CA TYR A 2158 26.41 23.49 17.88
C TYR A 2158 25.69 23.91 19.15
N LYS A 2159 26.26 24.87 19.87
CA LYS A 2159 25.89 25.14 21.26
C LYS A 2159 25.98 23.89 22.11
N LYS A 2160 26.95 23.02 21.83
CA LYS A 2160 27.06 21.71 22.46
C LYS A 2160 25.75 20.96 22.27
N SER A 2161 25.19 21.04 21.06
CA SER A 2161 23.86 20.51 20.76
C SER A 2161 22.82 21.11 21.72
N GLY A 2162 22.79 22.44 21.80
CA GLY A 2162 22.01 23.14 22.81
C GLY A 2162 20.51 23.04 22.68
N ASN A 2163 20.03 22.22 21.75
CA ASN A 2163 18.61 21.96 21.60
C ASN A 2163 18.42 20.47 21.36
N LYS A 2164 17.62 19.86 22.23
CA LYS A 2164 17.58 18.41 22.36
C LYS A 2164 16.20 17.98 22.84
N ILE A 2165 16.04 16.68 23.04
CA ILE A 2165 14.89 16.11 23.75
C ILE A 2165 15.44 15.13 24.76
N ILE A 2166 14.86 15.12 25.96
CA ILE A 2166 15.45 14.45 27.12
C ILE A 2166 15.60 12.94 26.91
N ASP A 2167 14.89 12.38 25.94
CA ASP A 2167 14.87 10.93 25.78
C ASP A 2167 16.20 10.43 25.20
N PRO A 2168 16.93 9.57 25.91
CA PRO A 2168 18.21 9.07 25.38
C PRO A 2168 18.08 8.35 24.05
N SER A 2169 16.94 7.69 23.80
CA SER A 2169 16.73 7.02 22.52
C SER A 2169 16.92 7.98 21.36
N TRP A 2170 16.45 9.22 21.50
CA TRP A 2170 16.82 10.26 20.56
C TRP A 2170 18.27 10.67 20.71
N CYS A 2171 18.79 10.67 21.94
CA CYS A 2171 20.14 11.17 22.19
C CYS A 2171 21.20 10.16 21.75
N THR A 2172 20.85 8.88 21.66
CA THR A 2172 21.74 7.88 21.08
C THR A 2172 20.97 6.98 20.15
N ILE A 2173 21.53 6.73 18.97
CA ILE A 2173 20.85 5.97 17.92
C ILE A 2173 21.23 4.50 18.10
N PRO A 2174 20.64 3.56 17.33
CA PRO A 2174 21.12 2.16 17.46
C PRO A 2174 22.53 2.00 16.91
N THR A 2175 23.48 2.62 17.61
CA THR A 2175 24.89 2.50 17.25
C THR A 2175 25.33 1.04 17.28
N THR A 2176 24.75 0.24 18.18
CA THR A 2176 25.22 -1.14 18.36
C THR A 2176 25.01 -1.97 17.09
N GLU A 2177 23.87 -1.81 16.43
CA GLU A 2177 23.63 -2.52 15.18
C GLU A 2177 24.17 -1.70 14.02
N THR A 2178 24.95 -2.33 13.16
CA THR A 2178 25.51 -1.70 11.98
C THR A 2178 25.00 -2.41 10.74
N PRO A 2179 24.04 -1.83 10.01
CA PRO A 2179 23.57 -2.45 8.77
C PRO A 2179 24.71 -2.63 7.79
N PRO A 2180 24.75 -3.75 7.06
CA PRO A 2180 25.86 -4.00 6.15
C PRO A 2180 25.94 -3.01 5.00
N GLN A 2181 27.09 -2.98 4.32
CA GLN A 2181 27.33 -1.98 3.28
C GLN A 2181 26.32 -2.10 2.15
N PHE A 2182 25.95 -3.32 1.79
CA PHE A 2182 24.86 -3.51 0.83
C PHE A 2182 23.58 -2.91 1.38
N LEU A 2183 23.22 -3.25 2.62
CA LEU A 2183 22.07 -2.64 3.25
C LEU A 2183 22.26 -1.14 3.39
N ARG A 2184 23.48 -0.69 3.62
CA ARG A 2184 23.68 0.74 3.77
C ARG A 2184 23.42 1.50 2.48
N TRP A 2185 23.94 1.00 1.35
CA TRP A 2185 23.72 1.74 0.10
C TRP A 2185 22.27 1.62 -0.36
N ILE A 2186 21.63 0.47 -0.14
CA ILE A 2186 20.24 0.38 -0.54
C ILE A 2186 19.36 1.22 0.38
N LYS A 2187 19.76 1.40 1.64
CA LYS A 2187 19.00 2.28 2.52
C LYS A 2187 19.27 3.74 2.19
N GLU A 2188 20.50 4.07 1.81
CA GLU A 2188 20.78 5.35 1.16
C GLU A 2188 19.74 5.64 0.08
N TRP A 2189 19.64 4.74 -0.89
CA TRP A 2189 18.64 4.91 -1.95
C TRP A 2189 17.24 5.04 -1.40
N GLY A 2190 16.85 4.10 -0.52
CA GLY A 2190 15.49 4.07 -0.03
C GLY A 2190 15.11 5.36 0.66
N THR A 2191 15.95 5.85 1.57
CA THR A 2191 15.67 7.11 2.24
C THR A 2191 15.69 8.27 1.27
N ASN A 2192 16.76 8.38 0.47
CA ASN A 2192 16.94 9.53 -0.42
C ASN A 2192 15.78 9.68 -1.37
N VAL A 2193 15.06 8.60 -1.66
CA VAL A 2193 13.90 8.72 -2.53
C VAL A 2193 12.61 8.80 -1.73
N CYS A 2194 12.48 8.00 -0.67
CA CYS A 2194 11.20 7.89 0.02
C CYS A 2194 10.89 9.14 0.82
N ILE A 2195 11.89 9.71 1.48
CA ILE A 2195 11.65 10.91 2.27
C ILE A 2195 11.28 12.06 1.34
N GLN A 2196 11.95 12.15 0.19
CA GLN A 2196 11.59 13.13 -0.81
C GLN A 2196 10.16 12.91 -1.29
N LYS A 2197 9.75 11.66 -1.47
CA LYS A 2197 8.38 11.40 -1.93
C LYS A 2197 7.37 11.66 -0.81
N GLN A 2198 7.77 11.51 0.44
CA GLN A 2198 6.93 11.95 1.55
C GLN A 2198 6.70 13.46 1.46
N GLU A 2199 7.76 14.21 1.21
CA GLU A 2199 7.60 15.65 1.04
C GLU A 2199 6.84 15.97 -0.25
N HIS A 2200 6.88 15.06 -1.22
CA HIS A 2200 6.12 15.26 -2.44
C HIS A 2200 4.63 15.08 -2.17
N LYS A 2201 4.27 14.07 -1.38
CA LYS A 2201 2.92 13.98 -0.85
C LYS A 2201 2.56 15.24 -0.08
N GLU A 2202 3.54 15.80 0.65
CA GLU A 2202 3.27 17.02 1.39
C GLU A 2202 2.91 18.17 0.46
N TYR A 2203 3.64 18.33 -0.64
CA TYR A 2203 3.26 19.34 -1.64
C TYR A 2203 1.89 19.03 -2.21
N VAL A 2204 1.64 17.76 -2.54
CA VAL A 2204 0.37 17.36 -3.17
C VAL A 2204 -0.80 17.69 -2.25
N LYS A 2205 -0.66 17.43 -0.96
CA LYS A 2205 -1.77 17.67 -0.04
C LYS A 2205 -1.90 19.16 0.29
N SER A 2206 -0.79 19.79 0.67
CA SER A 2206 -0.83 21.18 1.09
C SER A 2206 -1.30 22.10 -0.04
N LYS A 2207 -0.51 22.22 -1.09
CA LYS A 2207 -0.91 22.99 -2.25
C LYS A 2207 -1.37 22.03 -3.33
N CYS A 2208 -1.78 22.59 -4.46
CA CYS A 2208 -2.29 21.81 -5.59
C CYS A 2208 -3.45 20.93 -5.16
N SER A 2209 -4.06 21.26 -4.02
CA SER A 2209 -5.18 20.54 -3.45
C SER A 2209 -5.77 21.37 -2.33
N ASN A 2210 -7.10 21.35 -2.21
CA ASN A 2210 -7.98 22.32 -1.56
C ASN A 2210 -8.00 23.58 -2.43
N VAL A 2211 -7.29 23.53 -3.55
CA VAL A 2211 -7.33 24.57 -4.55
C VAL A 2211 -7.92 24.00 -5.84
N THR A 2212 -8.25 24.88 -6.78
CA THR A 2212 -8.82 24.49 -8.07
C THR A 2212 -10.13 23.72 -7.86
N ASN A 2213 -10.71 23.90 -6.69
CA ASN A 2213 -11.97 23.27 -6.34
C ASN A 2213 -12.87 24.26 -5.61
N LEU A 2214 -12.92 25.49 -6.11
CA LEU A 2214 -13.67 26.60 -5.49
C LEU A 2214 -13.16 26.87 -4.07
N GLY A 2215 -11.93 27.39 -3.99
CA GLY A 2215 -11.16 27.87 -5.13
C GLY A 2215 -9.94 28.66 -4.71
N ALA A 2216 -9.12 29.08 -5.68
CA ALA A 2216 -7.84 29.71 -5.38
C ALA A 2216 -7.27 30.30 -6.66
N GLN A 2217 -6.36 31.27 -6.52
CA GLN A 2217 -6.03 31.95 -5.27
C GLN A 2217 -5.92 33.49 -5.33
N ALA A 2218 -6.86 34.18 -5.99
CA ALA A 2218 -8.11 33.61 -6.48
C ALA A 2218 -8.11 33.48 -7.99
N SER A 2219 -6.95 33.62 -8.62
CA SER A 2219 -6.95 33.70 -10.08
C SER A 2219 -7.43 32.41 -10.74
N GLU A 2220 -6.59 31.36 -10.77
CA GLU A 2220 -7.08 30.05 -11.15
C GLU A 2220 -6.46 28.94 -10.31
N SER A 2221 -5.15 29.05 -10.05
CA SER A 2221 -4.35 28.01 -9.40
C SER A 2221 -4.37 26.68 -10.14
N ASN A 2222 -4.68 26.71 -11.45
CA ASN A 2222 -4.63 25.48 -12.23
C ASN A 2222 -3.22 24.97 -12.41
N ASN A 2223 -2.25 25.85 -12.65
CA ASN A 2223 -0.89 25.44 -12.94
C ASN A 2223 -0.26 24.64 -11.81
N CYS A 2224 -0.79 24.77 -10.59
CA CYS A 2224 -0.29 23.95 -9.49
C CYS A 2224 -0.35 22.47 -9.86
N THR A 2225 -1.42 22.07 -10.56
CA THR A 2225 -1.51 20.69 -11.04
C THR A 2225 -0.30 20.33 -11.89
N SER A 2226 0.06 21.18 -12.85
CA SER A 2226 1.21 20.89 -13.69
C SER A 2226 2.46 20.67 -12.86
N GLU A 2227 2.52 21.31 -11.69
CA GLU A 2227 3.69 21.17 -10.82
C GLU A 2227 3.91 19.71 -10.42
N ILE A 2228 2.84 18.98 -10.08
CA ILE A 2228 3.04 17.57 -9.76
C ILE A 2228 3.48 16.83 -11.02
N LYS A 2229 2.93 17.22 -12.17
CA LYS A 2229 3.44 16.70 -13.43
C LYS A 2229 4.94 16.91 -13.54
N LYS A 2230 5.42 18.06 -13.07
CA LYS A 2230 6.86 18.26 -13.01
C LYS A 2230 7.53 17.33 -12.01
N TYR A 2231 6.96 17.20 -10.80
CA TYR A 2231 7.52 16.28 -9.81
C TYR A 2231 7.71 14.90 -10.41
N GLN A 2232 6.60 14.27 -10.81
CA GLN A 2232 6.66 13.02 -11.57
C GLN A 2232 7.85 12.99 -12.50
N GLU A 2233 7.99 14.01 -13.35
CA GLU A 2233 9.07 14.02 -14.34
C GLU A 2233 10.39 13.64 -13.70
N TRP A 2234 10.88 14.46 -12.76
CA TRP A 2234 12.18 14.14 -12.19
C TRP A 2234 12.11 12.84 -11.41
N SER A 2235 11.03 12.63 -10.67
CA SER A 2235 10.88 11.38 -9.94
C SER A 2235 10.91 10.20 -10.90
N ARG A 2236 10.33 10.37 -12.09
CA ARG A 2236 10.29 9.25 -13.03
C ARG A 2236 11.69 8.88 -13.48
N LYS A 2237 12.59 9.86 -13.57
CA LYS A 2237 13.99 9.52 -13.80
C LYS A 2237 14.47 8.58 -12.71
N ARG A 2238 14.27 8.96 -11.45
CA ARG A 2238 14.60 8.08 -10.34
C ARG A 2238 13.98 6.71 -10.55
N SER A 2239 12.78 6.67 -11.13
CA SER A 2239 12.13 5.41 -11.45
C SER A 2239 13.08 4.46 -12.14
N ILE A 2240 13.51 4.82 -13.36
CA ILE A 2240 14.38 3.89 -14.09
C ILE A 2240 15.65 3.65 -13.29
N GLN A 2241 16.06 4.66 -12.51
CA GLN A 2241 17.28 4.53 -11.74
C GLN A 2241 17.16 3.39 -10.73
N TRP A 2242 16.03 3.29 -10.03
CA TRP A 2242 15.95 2.21 -9.04
C TRP A 2242 15.86 0.85 -9.72
N GLU A 2243 15.54 0.83 -11.02
CA GLU A 2243 15.62 -0.43 -11.73
C GLU A 2243 17.05 -0.96 -11.74
N THR A 2244 18.02 -0.07 -11.96
CA THR A 2244 19.41 -0.46 -11.80
C THR A 2244 19.66 -0.93 -10.37
N ILE A 2245 18.97 -0.33 -9.41
CA ILE A 2245 19.11 -0.75 -8.02
C ILE A 2245 18.59 -2.16 -7.84
N SER A 2246 17.56 -2.55 -8.60
CA SER A 2246 17.14 -3.95 -8.56
C SER A 2246 18.28 -4.85 -8.98
N LYS A 2247 19.08 -4.43 -9.96
CA LYS A 2247 20.24 -5.22 -10.36
C LYS A 2247 21.43 -4.97 -9.44
N ARG A 2248 21.81 -3.69 -9.25
CA ARG A 2248 22.80 -3.24 -8.27
C ARG A 2248 24.19 -3.76 -8.62
N TYR A 2249 24.35 -4.74 -9.52
CA TYR A 2249 25.72 -5.09 -9.93
C TYR A 2249 25.92 -5.08 -11.45
N LYS A 2250 25.12 -5.83 -12.23
CA LYS A 2250 23.95 -6.68 -11.90
C LYS A 2250 24.23 -8.00 -11.18
N LYS A 2251 23.70 -8.06 -9.97
CA LYS A 2251 23.61 -9.27 -9.15
C LYS A 2251 22.55 -8.97 -8.10
N TYR A 2252 21.35 -9.56 -8.25
CA TYR A 2252 20.14 -8.91 -7.79
C TYR A 2252 20.21 -8.51 -6.33
N LYS A 2253 20.95 -9.26 -5.49
CA LYS A 2253 21.12 -8.89 -4.10
C LYS A 2253 22.36 -9.52 -3.51
N ARG A 2254 23.01 -8.79 -2.60
CA ARG A 2254 24.08 -9.35 -1.79
C ARG A 2254 23.55 -10.09 -0.57
N MET A 2255 22.40 -9.68 -0.05
CA MET A 2255 21.79 -10.33 1.08
C MET A 2255 20.28 -10.30 0.89
N ASP A 2256 19.56 -10.91 1.82
CA ASP A 2256 18.18 -11.30 1.56
C ASP A 2256 17.28 -10.79 2.68
N ILE A 2257 16.07 -11.37 2.72
CA ILE A 2257 14.90 -10.86 3.43
C ILE A 2257 15.25 -10.33 4.82
N LEU A 2258 14.79 -9.11 5.11
CA LEU A 2258 15.04 -8.46 6.40
C LEU A 2258 13.98 -7.38 6.62
N LYS A 2259 14.15 -6.56 7.65
CA LYS A 2259 13.14 -5.58 8.07
C LYS A 2259 12.80 -4.55 7.00
N ASP A 2260 13.69 -4.30 6.05
CA ASP A 2260 13.45 -3.31 5.00
C ASP A 2260 13.73 -3.89 3.63
N VAL A 2261 14.50 -4.97 3.57
CA VAL A 2261 14.96 -5.54 2.32
C VAL A 2261 14.52 -6.99 2.20
N LYS A 2262 13.89 -7.29 1.06
CA LYS A 2262 13.74 -8.66 0.59
C LYS A 2262 14.02 -8.65 -0.92
N GLU A 2263 13.81 -7.48 -1.52
CA GLU A 2263 14.11 -7.08 -2.90
C GLU A 2263 13.84 -8.18 -3.93
N PRO A 2264 12.58 -8.51 -4.19
CA PRO A 2264 12.25 -9.03 -5.52
C PRO A 2264 12.26 -7.88 -6.50
N ASP A 2265 12.00 -6.68 -5.96
CA ASP A 2265 12.07 -5.43 -6.71
C ASP A 2265 12.19 -4.29 -5.71
N ALA A 2266 12.53 -3.11 -6.23
CA ALA A 2266 12.73 -1.95 -5.38
C ALA A 2266 11.46 -1.52 -4.67
N ASN A 2267 10.31 -1.62 -5.36
CA ASN A 2267 9.04 -1.21 -4.75
C ASN A 2267 8.74 -2.07 -3.53
N THR A 2268 9.02 -3.36 -3.61
CA THR A 2268 8.89 -4.23 -2.45
C THR A 2268 9.79 -3.83 -1.31
N TYR A 2269 11.04 -3.46 -1.60
CA TYR A 2269 11.92 -2.90 -0.57
C TYR A 2269 11.26 -1.70 0.09
N LEU A 2270 10.80 -0.74 -0.71
CA LEU A 2270 10.30 0.51 -0.14
C LEU A 2270 9.03 0.29 0.66
N ARG A 2271 8.18 -0.65 0.23
CA ARG A 2271 7.04 -1.01 1.05
C ARG A 2271 7.49 -1.65 2.35
N GLU A 2272 8.51 -2.50 2.29
CA GLU A 2272 9.07 -3.12 3.48
C GLU A 2272 9.93 -2.13 4.27
N HIS A 2273 10.19 -0.97 3.68
CA HIS A 2273 11.15 0.00 4.19
C HIS A 2273 10.59 0.76 5.38
N CYS A 2274 11.18 1.92 5.66
CA CYS A 2274 11.06 2.73 6.87
C CYS A 2274 9.68 2.82 7.48
N SER A 2275 9.62 2.96 8.80
CA SER A 2275 8.37 3.31 9.48
C SER A 2275 7.70 4.53 8.89
N LYS A 2276 8.47 5.57 8.54
CA LYS A 2276 7.92 6.79 7.95
C LYS A 2276 7.84 6.63 6.44
N CYS A 2277 7.25 5.52 6.00
CA CYS A 2277 7.08 5.14 4.61
C CYS A 2277 5.57 5.07 4.43
N PRO A 2278 5.01 4.67 3.26
CA PRO A 2278 5.31 3.87 2.07
C PRO A 2278 6.36 4.41 1.11
N CYS A 2279 6.24 3.98 -0.15
CA CYS A 2279 7.25 4.10 -1.20
C CYS A 2279 8.10 5.38 -1.10
N GLY A 2280 7.51 6.58 -1.01
CA GLY A 2280 6.18 6.96 -1.43
C GLY A 2280 4.95 6.73 -0.55
N PHE A 2281 3.75 6.64 -1.13
CA PHE A 2281 3.39 7.18 -2.46
C PHE A 2281 4.17 6.66 -3.68
N ASN A 2282 3.88 5.41 -4.09
CA ASN A 2282 4.28 4.96 -5.42
C ASN A 2282 4.09 6.17 -6.34
N ASP A 2283 5.01 6.48 -7.25
CA ASP A 2283 5.35 5.79 -8.52
C ASP A 2283 4.27 6.39 -9.43
N MET A 2284 3.63 7.39 -8.85
CA MET A 2284 2.67 8.31 -9.45
C MET A 2284 3.36 9.66 -9.62
N GLU A 2285 2.80 10.55 -10.45
CA GLU A 2285 1.59 10.32 -11.23
C GLU A 2285 1.87 9.35 -12.37
N GLU A 2286 0.82 8.79 -12.92
CA GLU A 2286 0.93 7.55 -13.69
C GLU A 2286 1.57 7.84 -15.04
N MET A 2287 2.89 7.65 -15.13
CA MET A 2287 3.50 7.33 -16.41
C MET A 2287 3.80 5.85 -16.49
N ASN A 2288 4.67 5.36 -15.60
CA ASN A 2288 5.14 3.98 -15.48
C ASN A 2288 6.08 3.90 -14.29
N ASN A 2289 6.14 2.80 -13.53
CA ASN A 2289 5.04 2.05 -12.92
C ASN A 2289 3.92 1.45 -13.81
N ASN A 2290 4.26 0.44 -14.60
CA ASN A 2290 3.26 -0.39 -15.28
C ASN A 2290 3.82 -1.80 -15.36
N GLU A 2291 3.11 -2.83 -15.85
CA GLU A 2291 1.92 -2.85 -16.73
C GLU A 2291 0.63 -2.14 -16.31
N ASP A 2292 -0.25 -1.98 -17.31
CA ASP A 2292 -1.51 -1.24 -17.20
C ASP A 2292 -2.25 -1.57 -15.91
N ASN A 2293 -3.04 -0.61 -15.41
CA ASN A 2293 -3.64 0.48 -16.19
C ASN A 2293 -2.93 1.83 -16.17
N GLU A 2294 -3.33 2.68 -17.14
CA GLU A 2294 -2.75 4.01 -17.31
C GLU A 2294 -3.90 5.01 -17.31
N LYS A 2295 -3.64 6.29 -17.57
CA LYS A 2295 -4.71 7.24 -17.84
C LYS A 2295 -4.93 7.34 -19.36
N GLU A 2296 -3.93 7.68 -20.19
CA GLU A 2296 -2.79 8.60 -20.00
C GLU A 2296 -2.28 8.99 -21.38
N ALA A 2297 -2.66 10.18 -21.90
CA ALA A 2297 -2.28 10.48 -23.26
C ALA A 2297 -2.41 11.96 -23.66
N PHE A 2298 -1.45 12.41 -24.47
CA PHE A 2298 -1.53 13.56 -25.38
C PHE A 2298 -1.23 14.99 -24.90
N LYS A 2299 -0.96 15.30 -23.62
CA LYS A 2299 -0.85 14.50 -22.42
C LYS A 2299 -0.99 15.48 -21.27
N GLN A 2300 -2.13 15.53 -20.59
CA GLN A 2300 -3.24 14.59 -20.72
C GLN A 2300 -4.24 14.93 -21.84
N ILE A 2301 -5.44 14.34 -21.72
CA ILE A 2301 -6.29 13.92 -22.84
C ILE A 2301 -6.28 14.88 -24.04
N LYS A 2302 -6.49 16.19 -23.86
CA LYS A 2302 -7.11 16.89 -22.73
C LYS A 2302 -8.43 17.35 -23.37
N GLU A 2303 -9.62 16.97 -22.87
CA GLU A 2303 -10.13 17.01 -21.48
C GLU A 2303 -9.21 16.79 -20.27
N GLN A 2304 -9.44 17.65 -19.27
CA GLN A 2304 -8.59 17.82 -18.11
C GLN A 2304 -8.33 16.51 -17.38
N VAL A 2305 -7.30 16.49 -16.56
CA VAL A 2305 -6.90 15.28 -15.83
C VAL A 2305 -7.55 15.33 -14.46
N LYS A 2306 -7.99 14.16 -13.98
CA LYS A 2306 -8.67 14.07 -12.71
C LYS A 2306 -7.74 13.75 -11.56
N ILE A 2307 -6.44 13.70 -11.79
CA ILE A 2307 -5.45 13.59 -10.72
C ILE A 2307 -5.77 14.56 -9.59
N PRO A 2308 -6.22 15.80 -9.86
CA PRO A 2308 -6.77 16.62 -8.78
C PRO A 2308 -7.77 15.83 -7.93
N ALA A 2309 -8.84 15.37 -8.56
CA ALA A 2309 -9.87 14.65 -7.82
C ALA A 2309 -9.38 13.27 -7.40
N GLU A 2310 -8.61 12.60 -8.27
CA GLU A 2310 -8.16 11.25 -8.00
C GLU A 2310 -7.26 11.16 -6.76
N LEU A 2311 -6.34 12.11 -6.60
CA LEU A 2311 -5.25 11.95 -5.66
C LEU A 2311 -5.17 13.08 -4.64
N GLU A 2312 -5.99 14.13 -4.78
CA GLU A 2312 -6.05 15.14 -3.72
C GLU A 2312 -6.49 14.50 -2.41
N ASP A 2313 -7.51 13.67 -2.46
CA ASP A 2313 -7.90 12.88 -1.29
C ASP A 2313 -7.02 11.65 -1.16
N VAL A 2314 -6.96 11.09 0.04
CA VAL A 2314 -6.43 9.76 0.25
C VAL A 2314 -7.28 8.86 -0.63
N ILE A 2315 -6.66 8.17 -1.60
CA ILE A 2315 -5.26 7.67 -1.66
C ILE A 2315 -4.06 8.49 -1.19
N TYR A 2316 -3.29 7.87 -0.29
CA TYR A 2316 -1.94 8.31 0.05
C TYR A 2316 -0.90 7.24 -0.23
N ARG A 2317 -1.31 6.11 -0.81
CA ARG A 2317 -0.47 4.92 -0.91
C ARG A 2317 -0.93 4.08 -2.10
N ILE A 2318 -0.50 2.82 -2.11
CA ILE A 2318 -0.46 2.04 -3.35
C ILE A 2318 -1.86 1.52 -3.68
N LYS A 2319 -2.66 2.35 -4.36
CA LYS A 2319 -4.00 2.00 -4.83
C LYS A 2319 -4.36 2.79 -6.09
N HIS A 2320 -3.44 3.04 -7.02
CA HIS A 2320 -2.67 2.08 -7.82
C HIS A 2320 -2.26 0.72 -7.28
N HIS A 2321 -2.75 -0.34 -7.93
CA HIS A 2321 -2.18 -1.67 -7.85
C HIS A 2321 -2.91 -2.66 -8.76
N GLU A 2322 -2.42 -3.90 -8.77
CA GLU A 2322 -3.02 -5.07 -9.44
C GLU A 2322 -3.05 -5.14 -10.98
N TYR A 2323 -1.95 -5.01 -11.74
CA TYR A 2323 -0.74 -4.17 -11.63
C TYR A 2323 -0.17 -3.81 -10.27
N ASP A 2324 0.30 -4.79 -9.50
CA ASP A 2324 1.04 -6.01 -9.92
C ASP A 2324 0.54 -7.03 -10.96
N LYS A 2325 -0.69 -7.54 -10.80
CA LYS A 2325 -1.28 -8.64 -11.57
C LYS A 2325 -0.80 -10.03 -11.16
N GLY A 2326 0.17 -10.13 -10.26
CA GLY A 2326 0.61 -11.45 -9.83
C GLY A 2326 2.09 -11.73 -10.00
N ASN A 2327 2.78 -10.91 -10.78
CA ASN A 2327 4.22 -11.08 -11.00
C ASN A 2327 4.94 -10.43 -9.82
N ASP A 2328 4.92 -11.11 -8.68
CA ASP A 2328 5.34 -10.47 -7.43
C ASP A 2328 5.87 -11.51 -6.46
N TYR A 2329 6.23 -10.99 -5.27
CA TYR A 2329 6.59 -11.81 -4.12
C TYR A 2329 5.72 -11.48 -2.93
N ILE A 2330 5.16 -10.26 -2.91
CA ILE A 2330 4.45 -9.81 -1.72
C ILE A 2330 3.23 -10.69 -1.44
N CYS A 2331 2.71 -11.36 -2.48
CA CYS A 2331 1.59 -12.28 -2.29
C CYS A 2331 1.97 -13.50 -1.48
N ASN A 2332 3.06 -14.18 -1.83
CA ASN A 2332 3.40 -15.42 -1.15
C ASN A 2332 3.84 -15.17 0.30
N LYS A 2333 4.61 -14.12 0.53
CA LYS A 2333 4.93 -13.73 1.90
C LYS A 2333 3.67 -13.29 2.64
N TYR A 2334 2.71 -12.72 1.91
CA TYR A 2334 1.41 -12.43 2.51
C TYR A 2334 0.70 -13.71 2.89
N LYS A 2335 0.84 -14.75 2.06
CA LYS A 2335 0.41 -16.08 2.45
C LYS A 2335 1.23 -16.59 3.62
N ASN A 2336 2.52 -16.27 3.67
CA ASN A 2336 3.32 -16.62 4.85
C ASN A 2336 2.74 -15.99 6.10
N ILE A 2337 2.18 -14.79 5.98
CA ILE A 2337 1.40 -14.21 7.06
C ILE A 2337 0.13 -15.02 7.30
N HIS A 2338 -0.51 -15.49 6.23
CA HIS A 2338 -1.75 -16.26 6.35
C HIS A 2338 -1.47 -17.65 6.92
N ASP A 2339 -2.50 -18.23 7.54
CA ASP A 2339 -2.43 -19.54 8.20
C ASP A 2339 -1.33 -19.58 9.26
N ARG A 2340 -0.86 -18.41 9.67
CA ARG A 2340 0.18 -18.25 10.68
C ARG A 2340 -0.10 -16.97 11.45
N MET A 2341 0.11 -17.06 12.77
CA MET A 2341 -0.47 -16.19 13.78
C MET A 2341 -1.95 -16.53 13.93
N LYS A 2342 -2.43 -17.40 13.05
CA LYS A 2342 -3.74 -18.03 13.15
C LYS A 2342 -3.67 -19.32 12.35
N LYS A 2343 -3.64 -20.44 13.05
CA LYS A 2343 -3.31 -21.74 12.46
C LYS A 2343 -4.56 -22.50 12.04
N ASN A 2344 -5.54 -21.78 11.52
CA ASN A 2344 -6.87 -22.33 11.22
C ASN A 2344 -7.51 -22.85 12.49
N ASN A 2345 -7.24 -22.17 13.61
CA ASN A 2345 -7.84 -22.48 14.90
C ASN A 2345 -9.31 -22.02 14.87
N GLY A 2346 -10.08 -22.71 14.05
CA GLY A 2346 -11.46 -22.35 13.72
C GLY A 2346 -11.49 -22.01 12.25
N ASN A 2347 -12.03 -22.95 11.47
CA ASN A 2347 -12.08 -22.79 10.02
C ASN A 2347 -13.20 -23.65 9.45
N PHE A 2348 -14.07 -23.05 8.63
CA PHE A 2348 -15.16 -23.76 8.00
C PHE A 2348 -15.13 -23.55 6.49
N VAL A 2349 -15.30 -24.64 5.75
CA VAL A 2349 -15.48 -24.61 4.31
C VAL A 2349 -16.48 -25.71 3.94
N THR A 2350 -16.79 -25.78 2.64
CA THR A 2350 -17.51 -26.90 2.05
C THR A 2350 -18.88 -27.09 2.69
N ASP A 2351 -19.80 -26.17 2.43
CA ASP A 2351 -21.21 -26.43 2.74
C ASP A 2351 -21.99 -26.62 1.47
N ASN A 2352 -21.30 -26.53 0.33
CA ASN A 2352 -21.89 -26.70 -1.00
C ASN A 2352 -23.11 -25.81 -1.18
N PHE A 2353 -22.95 -24.51 -0.94
CA PHE A 2353 -24.02 -23.55 -1.14
C PHE A 2353 -24.24 -23.24 -2.62
N VAL A 2354 -23.39 -23.75 -3.50
CA VAL A 2354 -23.58 -23.55 -4.93
C VAL A 2354 -24.87 -24.21 -5.39
N LYS A 2355 -25.14 -25.42 -4.94
CA LYS A 2355 -26.30 -26.18 -5.36
C LYS A 2355 -27.49 -26.03 -4.43
N LYS A 2356 -27.64 -24.90 -3.77
CA LYS A 2356 -28.73 -24.68 -2.85
C LYS A 2356 -29.73 -23.66 -3.39
N SER A 2357 -30.81 -23.46 -2.65
CA SER A 2357 -31.88 -22.55 -3.01
C SER A 2357 -31.81 -21.27 -2.21
N TRP A 2358 -32.77 -20.39 -2.45
CA TRP A 2358 -32.80 -19.10 -1.78
C TRP A 2358 -33.71 -19.16 -0.54
N GLU A 2359 -33.35 -18.39 0.48
CA GLU A 2359 -34.05 -18.45 1.76
C GLU A 2359 -34.17 -17.04 2.32
N ILE A 2360 -35.28 -16.79 3.00
CA ILE A 2360 -35.57 -15.47 3.55
C ILE A 2360 -34.61 -15.14 4.70
N SER A 2361 -34.65 -15.94 5.78
CA SER A 2361 -33.83 -15.83 6.97
C SER A 2361 -34.18 -14.59 7.80
N ASN A 2362 -34.93 -13.66 7.21
CA ASN A 2362 -35.57 -12.55 7.92
C ASN A 2362 -36.91 -12.18 7.29
N GLY A 2363 -37.40 -12.98 6.34
CA GLY A 2363 -38.39 -12.47 5.42
C GLY A 2363 -37.80 -11.52 4.41
N VAL A 2364 -36.50 -11.63 4.14
CA VAL A 2364 -35.78 -10.66 3.31
C VAL A 2364 -34.99 -11.31 2.19
N LEU A 2365 -34.86 -12.65 2.17
CA LEU A 2365 -34.18 -13.34 1.08
C LEU A 2365 -32.72 -12.91 0.92
N ILE A 2366 -31.89 -13.25 1.89
CA ILE A 2366 -30.45 -13.05 1.79
C ILE A 2366 -29.85 -14.11 0.87
N PRO A 2367 -28.79 -13.80 0.15
CA PRO A 2367 -28.18 -14.79 -0.75
C PRO A 2367 -27.66 -15.98 0.02
N PRO A 2368 -27.84 -17.20 -0.52
CA PRO A 2368 -27.05 -18.33 -0.03
C PRO A 2368 -25.57 -18.12 -0.29
N ARG A 2369 -25.24 -17.29 -1.29
CA ARG A 2369 -23.86 -16.86 -1.49
C ARG A 2369 -23.28 -16.33 -0.20
N ARG A 2370 -24.02 -15.46 0.49
CA ARG A 2370 -23.52 -14.79 1.68
C ARG A 2370 -23.91 -15.52 2.96
N LYS A 2371 -24.89 -16.44 2.90
CA LYS A 2371 -25.47 -17.01 4.11
C LYS A 2371 -24.40 -17.55 5.06
N ASN A 2372 -23.49 -18.37 4.54
CA ASN A 2372 -22.44 -18.93 5.38
C ASN A 2372 -21.11 -18.21 5.22
N LEU A 2373 -21.12 -16.95 4.76
CA LEU A 2373 -19.90 -16.19 4.50
C LEU A 2373 -18.93 -16.33 5.66
N PHE A 2374 -17.75 -16.87 5.39
CA PHE A 2374 -16.89 -17.32 6.48
C PHE A 2374 -16.22 -16.14 7.16
N LEU A 2375 -16.88 -15.65 8.21
CA LEU A 2375 -16.28 -14.74 9.18
C LEU A 2375 -17.20 -14.66 10.39
N TYR A 2376 -16.65 -14.88 11.58
CA TYR A 2376 -17.44 -14.85 12.80
C TYR A 2376 -16.50 -14.83 13.98
N ILE A 2377 -16.81 -13.99 14.97
CA ILE A 2377 -15.96 -13.82 16.13
C ILE A 2377 -16.74 -14.24 17.37
N ASP A 2378 -16.01 -14.51 18.44
CA ASP A 2378 -16.56 -15.09 19.65
C ASP A 2378 -15.85 -14.47 20.84
N PRO A 2379 -16.24 -14.82 22.07
CA PRO A 2379 -15.42 -14.48 23.24
C PRO A 2379 -13.95 -14.76 23.01
N SER A 2380 -13.08 -13.99 23.70
CA SER A 2380 -11.64 -13.93 23.49
C SER A 2380 -11.33 -13.14 22.23
N LYS A 2381 -12.37 -12.61 21.59
CA LYS A 2381 -12.24 -11.65 20.51
C LYS A 2381 -13.20 -10.48 20.72
N ILE A 2382 -13.18 -9.88 21.90
CA ILE A 2382 -14.21 -8.97 22.36
C ILE A 2382 -13.58 -7.61 22.66
N CYS A 2383 -14.42 -6.70 23.14
CA CYS A 2383 -14.01 -5.34 23.48
C CYS A 2383 -12.80 -5.34 24.40
N GLU A 2384 -12.81 -6.19 25.43
CA GLU A 2384 -11.62 -6.33 26.26
C GLU A 2384 -10.45 -6.91 25.47
N TYR A 2385 -10.72 -7.83 24.55
CA TYR A 2385 -9.67 -8.37 23.69
C TYR A 2385 -9.15 -7.32 22.71
N LYS A 2386 -10.03 -6.43 22.24
CA LYS A 2386 -9.67 -5.50 21.19
C LYS A 2386 -8.73 -4.44 21.75
N LYS A 2387 -7.46 -4.81 21.91
CA LYS A 2387 -6.39 -3.85 22.18
C LYS A 2387 -5.27 -4.11 21.19
N ASP A 2388 -5.57 -4.91 20.17
CA ASP A 2388 -4.62 -5.26 19.11
C ASP A 2388 -5.28 -5.08 17.75
N PRO A 2389 -5.57 -3.83 17.36
CA PRO A 2389 -6.26 -3.61 16.08
C PRO A 2389 -5.48 -4.14 14.89
N LYS A 2390 -4.15 -4.13 14.98
CA LYS A 2390 -3.32 -4.70 13.92
C LYS A 2390 -3.59 -6.20 13.77
N LEU A 2391 -3.60 -6.93 14.89
CA LEU A 2391 -3.84 -8.37 14.82
C LEU A 2391 -5.25 -8.66 14.36
N PHE A 2392 -6.22 -7.86 14.80
CA PHE A 2392 -7.60 -8.03 14.32
C PHE A 2392 -7.69 -7.80 12.82
N LYS A 2393 -6.96 -6.80 12.32
CA LYS A 2393 -6.92 -6.54 10.89
C LYS A 2393 -6.34 -7.74 10.14
N ASP A 2394 -5.24 -8.30 10.68
CA ASP A 2394 -4.66 -9.49 10.08
C ASP A 2394 -5.64 -10.65 10.09
N PHE A 2395 -6.42 -10.76 11.17
CA PHE A 2395 -7.44 -11.80 11.24
C PHE A 2395 -8.49 -11.62 10.16
N ILE A 2396 -8.89 -10.36 9.91
CA ILE A 2396 -9.83 -10.09 8.83
C ILE A 2396 -9.25 -10.52 7.49
N TYR A 2397 -7.97 -10.21 7.27
CA TYR A 2397 -7.33 -10.62 6.02
C TYR A 2397 -7.32 -12.13 5.90
N TRP A 2398 -7.00 -12.82 7.00
CA TRP A 2398 -7.01 -14.28 7.02
C TRP A 2398 -8.40 -14.81 6.69
N SER A 2399 -9.43 -14.17 7.23
CA SER A 2399 -10.80 -14.60 6.94
C SER A 2399 -11.11 -14.45 5.46
N ALA A 2400 -10.70 -13.33 4.86
CA ALA A 2400 -10.95 -13.12 3.43
C ALA A 2400 -10.21 -14.15 2.59
N PHE A 2401 -8.95 -14.44 2.95
CA PHE A 2401 -8.17 -15.41 2.21
C PHE A 2401 -8.79 -16.81 2.30
N THR A 2402 -9.13 -17.23 3.52
CA THR A 2402 -9.82 -18.49 3.70
C THR A 2402 -11.14 -18.52 2.95
N GLU A 2403 -11.80 -17.37 2.84
CA GLU A 2403 -13.02 -17.29 2.05
C GLU A 2403 -12.72 -17.56 0.58
N VAL A 2404 -11.57 -17.06 0.10
CA VAL A 2404 -11.17 -17.33 -1.28
C VAL A 2404 -11.00 -18.83 -1.49
N GLU A 2405 -10.29 -19.51 -0.60
CA GLU A 2405 -10.20 -20.96 -0.73
C GLU A 2405 -11.56 -21.63 -0.62
N ARG A 2406 -12.45 -21.10 0.23
CA ARG A 2406 -13.77 -21.69 0.36
C ARG A 2406 -14.54 -21.62 -0.95
N LEU A 2407 -14.48 -20.48 -1.64
CA LEU A 2407 -15.13 -20.39 -2.93
C LEU A 2407 -14.47 -21.31 -3.95
N LYS A 2408 -13.14 -21.40 -3.92
CA LYS A 2408 -12.45 -22.36 -4.79
C LYS A 2408 -13.02 -23.76 -4.61
N LYS A 2409 -13.17 -24.20 -3.36
CA LYS A 2409 -13.71 -25.54 -3.11
C LYS A 2409 -15.18 -25.62 -3.51
N ALA A 2410 -15.94 -24.55 -3.26
CA ALA A 2410 -17.37 -24.57 -3.54
C ALA A 2410 -17.64 -24.78 -5.02
N TYR A 2411 -16.96 -23.99 -5.86
CA TYR A 2411 -17.13 -24.19 -7.30
C TYR A 2411 -16.30 -25.36 -7.80
N GLY A 2412 -15.46 -25.93 -6.94
CA GLY A 2412 -14.55 -26.98 -7.34
C GLY A 2412 -13.52 -26.44 -8.31
N GLY A 2413 -13.39 -25.12 -8.31
CA GLY A 2413 -12.54 -24.41 -9.26
C GLY A 2413 -13.30 -24.02 -10.51
N ALA A 2414 -13.55 -22.72 -10.66
CA ALA A 2414 -14.12 -22.16 -11.87
C ALA A 2414 -13.75 -20.68 -11.94
N ARG A 2415 -12.72 -20.36 -12.72
CA ARG A 2415 -12.06 -19.07 -12.57
C ARG A 2415 -13.02 -17.91 -12.86
N ALA A 2416 -13.81 -18.03 -13.93
CA ALA A 2416 -14.77 -16.97 -14.25
C ALA A 2416 -15.77 -16.79 -13.13
N LYS A 2417 -16.33 -17.89 -12.62
CA LYS A 2417 -17.25 -17.79 -11.49
C LYS A 2417 -16.51 -17.33 -10.24
N VAL A 2418 -15.26 -17.77 -10.06
CA VAL A 2418 -14.50 -17.44 -8.85
C VAL A 2418 -14.25 -15.94 -8.77
N VAL A 2419 -14.05 -15.28 -9.90
CA VAL A 2419 -13.79 -13.84 -9.87
C VAL A 2419 -15.01 -13.10 -9.32
N HIS A 2420 -16.20 -13.41 -9.83
CA HIS A 2420 -17.40 -12.78 -9.31
C HIS A 2420 -17.67 -13.21 -7.87
N ALA A 2421 -17.25 -14.42 -7.52
CA ALA A 2421 -17.32 -14.86 -6.14
C ALA A 2421 -16.52 -13.93 -5.25
N MET A 2422 -15.29 -13.63 -5.64
CA MET A 2422 -14.48 -12.68 -4.89
C MET A 2422 -15.15 -11.33 -4.85
N LYS A 2423 -15.78 -10.91 -5.97
CA LYS A 2423 -16.46 -9.63 -5.96
C LYS A 2423 -17.50 -9.55 -4.85
N TYR A 2424 -18.49 -10.47 -4.85
CA TYR A 2424 -19.56 -10.27 -3.89
C TYR A 2424 -19.05 -10.54 -2.48
N SER A 2425 -18.14 -11.50 -2.33
CA SER A 2425 -17.62 -11.80 -1.00
C SER A 2425 -16.89 -10.60 -0.42
N PHE A 2426 -16.02 -9.96 -1.20
CA PHE A 2426 -15.33 -8.77 -0.74
C PHE A 2426 -16.32 -7.67 -0.37
N THR A 2427 -17.28 -7.40 -1.25
CA THR A 2427 -18.16 -6.27 -0.97
C THR A 2427 -19.10 -6.57 0.19
N ASP A 2428 -19.44 -7.83 0.41
CA ASP A 2428 -20.29 -8.17 1.54
C ASP A 2428 -19.50 -8.17 2.85
N ILE A 2429 -18.23 -8.55 2.81
CA ILE A 2429 -17.37 -8.36 3.98
C ILE A 2429 -17.28 -6.88 4.31
N GLY A 2430 -17.19 -6.04 3.27
CA GLY A 2430 -17.24 -4.61 3.51
C GLY A 2430 -18.53 -4.17 4.17
N SER A 2431 -19.66 -4.69 3.70
CA SER A 2431 -20.94 -4.37 4.32
C SER A 2431 -20.96 -4.79 5.79
N ILE A 2432 -20.48 -6.00 6.08
CA ILE A 2432 -20.46 -6.49 7.45
C ILE A 2432 -19.58 -5.62 8.33
N ILE A 2433 -18.35 -5.34 7.88
CA ILE A 2433 -17.42 -4.60 8.71
C ILE A 2433 -17.91 -3.17 8.93
N LYS A 2434 -18.57 -2.59 7.92
CA LYS A 2434 -19.32 -1.37 8.18
C LYS A 2434 -20.51 -1.66 9.08
N GLY A 2435 -21.33 -2.63 8.69
CA GLY A 2435 -22.46 -3.13 9.43
C GLY A 2435 -23.75 -2.52 8.92
N ASP A 2436 -24.36 -3.19 7.94
CA ASP A 2436 -25.66 -2.80 7.39
C ASP A 2436 -26.46 -4.05 7.05
N ASP A 2437 -25.90 -5.23 7.32
CA ASP A 2437 -26.48 -6.45 6.79
C ASP A 2437 -27.80 -6.75 7.48
N MET A 2438 -28.78 -7.15 6.67
CA MET A 2438 -30.11 -7.45 7.21
C MET A 2438 -30.13 -8.77 7.97
N MET A 2439 -29.48 -9.80 7.43
CA MET A 2439 -29.43 -11.08 8.14
C MET A 2439 -28.47 -11.06 9.31
N GLU A 2440 -27.50 -10.16 9.32
CA GLU A 2440 -26.57 -10.12 10.43
C GLU A 2440 -27.14 -9.30 11.58
N LYS A 2441 -27.23 -9.94 12.74
CA LYS A 2441 -27.78 -9.29 13.93
C LYS A 2441 -26.91 -9.56 15.14
N ASN A 2442 -25.99 -10.51 15.04
CA ASN A 2442 -25.20 -10.95 16.19
C ASN A 2442 -23.75 -10.52 16.09
N SER A 2443 -23.04 -10.90 15.03
CA SER A 2443 -21.66 -10.45 14.90
C SER A 2443 -21.56 -9.00 14.51
N SER A 2444 -22.64 -8.42 13.96
CA SER A 2444 -22.70 -6.98 13.81
C SER A 2444 -22.58 -6.28 15.16
N ASP A 2445 -23.30 -6.76 16.17
CA ASP A 2445 -23.15 -6.22 17.51
C ASP A 2445 -21.75 -6.46 18.06
N LYS A 2446 -21.17 -7.62 17.77
CA LYS A 2446 -19.81 -7.91 18.24
C LYS A 2446 -18.81 -6.92 17.68
N ILE A 2447 -18.83 -6.71 16.35
CA ILE A 2447 -17.93 -5.73 15.75
C ILE A 2447 -18.32 -4.32 16.13
N GLY A 2448 -19.56 -4.11 16.56
CA GLY A 2448 -19.91 -2.84 17.18
C GLY A 2448 -19.23 -2.64 18.52
N LYS A 2449 -19.05 -3.73 19.27
CA LYS A 2449 -18.33 -3.63 20.53
C LYS A 2449 -16.90 -3.18 20.31
N ILE A 2450 -16.23 -3.74 19.30
CA ILE A 2450 -14.89 -3.32 18.93
C ILE A 2450 -15.00 -2.09 18.04
N LEU A 2451 -13.88 -1.43 17.78
CA LEU A 2451 -13.80 -0.33 16.83
C LEU A 2451 -14.64 0.86 17.27
N GLY A 2452 -14.99 0.89 18.55
CA GLY A 2452 -15.83 1.94 19.08
C GLY A 2452 -17.21 1.93 18.44
N ASP A 2453 -17.67 3.14 18.09
CA ASP A 2453 -18.99 3.34 17.50
C ASP A 2453 -20.07 2.72 18.36
N THR A 2454 -20.03 2.98 19.67
CA THR A 2454 -21.01 2.43 20.59
C THR A 2454 -22.43 2.86 20.32
N ASP A 2455 -22.66 3.97 19.61
CA ASP A 2455 -24.01 4.35 19.23
C ASP A 2455 -24.44 3.63 17.97
N GLY A 2456 -25.61 3.99 17.46
CA GLY A 2456 -26.06 3.42 16.20
C GLY A 2456 -25.15 3.77 15.03
N GLN A 2457 -24.48 4.91 15.11
CA GLN A 2457 -23.58 5.33 14.05
C GLN A 2457 -22.38 4.39 13.96
N ASN A 2458 -21.96 4.11 12.72
CA ASN A 2458 -20.81 3.27 12.43
C ASN A 2458 -19.70 4.07 11.77
N GLU A 2459 -19.46 5.28 12.28
CA GLU A 2459 -18.53 6.20 11.62
C GLU A 2459 -17.11 5.64 11.59
N LYS A 2460 -16.60 5.21 12.75
CA LYS A 2460 -15.23 4.69 12.78
C LYS A 2460 -15.12 3.40 11.98
N ARG A 2461 -16.15 2.56 12.01
CA ARG A 2461 -16.14 1.36 11.18
C ARG A 2461 -16.12 1.73 9.70
N LYS A 2462 -16.87 2.76 9.31
CA LYS A 2462 -16.86 3.22 7.93
C LYS A 2462 -15.48 3.73 7.54
N LYS A 2463 -14.86 4.53 8.41
CA LYS A 2463 -13.53 5.08 8.11
C LYS A 2463 -12.45 4.03 8.24
N TRP A 2464 -12.79 2.86 8.77
CA TRP A 2464 -11.90 1.71 8.74
C TRP A 2464 -12.01 0.96 7.42
N TRP A 2465 -13.26 0.64 7.03
CA TRP A 2465 -13.52 -0.20 5.87
C TRP A 2465 -12.70 0.25 4.67
N ASP A 2466 -12.88 1.48 4.23
CA ASP A 2466 -11.84 2.23 3.57
C ASP A 2466 -11.15 3.03 4.66
N MET A 2467 -9.84 2.89 4.78
CA MET A 2467 -8.97 2.43 3.71
C MET A 2467 -8.60 0.95 3.61
N ASN A 2468 -9.16 0.07 4.46
CA ASN A 2468 -8.71 -1.32 4.38
C ASN A 2468 -9.13 -2.03 3.09
N LYS A 2469 -9.94 -1.36 2.26
CA LYS A 2469 -10.44 -1.95 1.03
C LYS A 2469 -9.32 -2.48 0.15
N TYR A 2470 -8.29 -1.67 -0.09
CA TYR A 2470 -7.19 -2.08 -0.95
C TYR A 2470 -6.53 -3.35 -0.43
N HIS A 2471 -6.18 -3.36 0.85
CA HIS A 2471 -5.46 -4.51 1.40
C HIS A 2471 -6.32 -5.76 1.38
N ILE A 2472 -7.61 -5.63 1.70
CA ILE A 2472 -8.48 -6.81 1.68
C ILE A 2472 -8.61 -7.34 0.26
N TRP A 2473 -8.78 -6.45 -0.71
CA TRP A 2473 -8.97 -6.90 -2.08
C TRP A 2473 -7.71 -7.55 -2.63
N GLU A 2474 -6.54 -6.97 -2.33
CA GLU A 2474 -5.31 -7.61 -2.79
C GLU A 2474 -5.09 -8.93 -2.06
N SER A 2475 -5.55 -9.04 -0.82
CA SER A 2475 -5.52 -10.33 -0.14
C SER A 2475 -6.31 -11.37 -0.90
N MET A 2476 -7.53 -11.02 -1.31
CA MET A 2476 -8.36 -11.98 -2.02
C MET A 2476 -7.79 -12.29 -3.40
N LEU A 2477 -7.21 -11.28 -4.06
CA LEU A 2477 -6.58 -11.51 -5.36
C LEU A 2477 -5.38 -12.44 -5.22
N CYS A 2478 -4.57 -12.24 -4.18
CA CYS A 2478 -3.44 -13.13 -3.92
C CYS A 2478 -3.92 -14.55 -3.65
N GLY A 2479 -5.00 -14.69 -2.87
CA GLY A 2479 -5.60 -16.00 -2.70
C GLY A 2479 -6.01 -16.64 -4.00
N TYR A 2480 -6.62 -15.87 -4.89
CA TYR A 2480 -7.01 -16.38 -6.20
C TYR A 2480 -5.82 -16.80 -7.04
N ARG A 2481 -4.71 -16.06 -6.93
CA ARG A 2481 -3.57 -16.29 -7.82
C ARG A 2481 -2.94 -17.66 -7.63
N GLU A 2482 -3.27 -18.37 -6.56
CA GLU A 2482 -2.62 -19.65 -6.25
C GLU A 2482 -2.73 -20.63 -7.40
N ALA A 2483 -3.94 -20.79 -7.94
CA ALA A 2483 -4.11 -21.71 -9.06
C ALA A 2483 -3.57 -21.14 -10.36
N GLU A 2484 -3.77 -19.83 -10.59
CA GLU A 2484 -3.29 -19.22 -11.83
C GLU A 2484 -1.78 -19.09 -11.85
N GLY A 2485 -1.18 -18.74 -10.71
CA GLY A 2485 0.24 -18.45 -10.68
C GLY A 2485 0.54 -17.08 -11.23
N ASP A 2486 0.29 -16.88 -12.52
CA ASP A 2486 0.43 -15.57 -13.14
C ASP A 2486 -0.60 -15.43 -14.24
N THR A 2487 -1.75 -14.85 -13.91
CA THR A 2487 -2.80 -14.56 -14.87
C THR A 2487 -3.70 -13.45 -14.34
N GLU A 2488 -3.54 -12.23 -14.84
CA GLU A 2488 -4.30 -11.10 -14.33
C GLU A 2488 -5.78 -11.27 -14.64
N THR A 2489 -6.62 -10.89 -13.67
CA THR A 2489 -8.07 -10.89 -13.85
C THR A 2489 -8.50 -9.65 -14.64
N ASN A 2490 -7.92 -9.51 -15.83
CA ASN A 2490 -8.22 -8.34 -16.67
C ASN A 2490 -9.71 -8.28 -17.00
N GLU A 2491 -10.40 -9.41 -16.93
CA GLU A 2491 -11.84 -9.42 -17.15
C GLU A 2491 -12.58 -8.59 -16.11
N ASN A 2492 -12.06 -8.55 -14.87
CA ASN A 2492 -12.72 -7.79 -13.82
C ASN A 2492 -12.16 -6.38 -13.73
N CYS A 2493 -12.89 -5.49 -13.08
CA CYS A 2493 -12.37 -4.19 -12.71
C CYS A 2493 -11.29 -4.45 -11.65
N ARG A 2494 -10.17 -3.75 -11.78
CA ARG A 2494 -9.00 -4.03 -10.95
C ARG A 2494 -9.35 -3.93 -9.47
N PHE A 2495 -10.04 -2.86 -9.08
CA PHE A 2495 -10.73 -2.85 -7.81
C PHE A 2495 -12.22 -2.98 -8.09
N PRO A 2496 -12.95 -3.81 -7.34
CA PRO A 2496 -14.38 -3.99 -7.61
C PRO A 2496 -15.15 -2.70 -7.40
N ASP A 2497 -15.64 -2.12 -8.50
CA ASP A 2497 -16.36 -0.85 -8.42
C ASP A 2497 -17.66 -0.99 -7.66
N ILE A 2498 -18.23 -2.20 -7.65
CA ILE A 2498 -19.54 -2.44 -7.05
C ILE A 2498 -19.49 -2.19 -5.55
N GLU A 2499 -18.28 -1.98 -5.03
CA GLU A 2499 -18.15 -1.56 -3.64
C GLU A 2499 -18.94 -0.27 -3.36
N SER A 2500 -19.04 0.63 -4.33
CA SER A 2500 -19.71 1.89 -4.11
C SER A 2500 -21.19 1.70 -3.84
N VAL A 2501 -21.86 0.87 -4.63
CA VAL A 2501 -23.32 0.83 -4.69
C VAL A 2501 -23.89 0.21 -3.42
N PRO A 2502 -25.16 0.49 -3.09
CA PRO A 2502 -25.72 -0.01 -1.82
C PRO A 2502 -25.76 -1.53 -1.75
N GLN A 2503 -25.65 -2.03 -0.51
CA GLN A 2503 -25.48 -3.46 -0.27
C GLN A 2503 -26.66 -4.28 -0.79
N PHE A 2504 -27.87 -3.84 -0.51
CA PHE A 2504 -29.04 -4.58 -0.98
C PHE A 2504 -29.07 -4.63 -2.50
N LEU A 2505 -28.72 -3.52 -3.15
CA LEU A 2505 -28.60 -3.52 -4.60
C LEU A 2505 -27.55 -4.52 -5.05
N ARG A 2506 -26.46 -4.65 -4.30
CA ARG A 2506 -25.45 -5.64 -4.65
C ARG A 2506 -26.00 -7.05 -4.56
N TRP A 2507 -26.76 -7.34 -3.51
CA TRP A 2507 -27.36 -8.67 -3.41
C TRP A 2507 -28.30 -8.93 -4.57
N PHE A 2508 -29.11 -7.94 -4.94
CA PHE A 2508 -30.00 -8.11 -6.08
C PHE A 2508 -29.22 -8.35 -7.34
N GLN A 2509 -28.12 -7.60 -7.53
CA GLN A 2509 -27.29 -7.77 -8.72
C GLN A 2509 -26.70 -9.17 -8.79
N GLU A 2510 -26.20 -9.68 -7.66
CA GLU A 2510 -25.60 -11.01 -7.67
C GLU A 2510 -26.66 -12.09 -7.91
N TRP A 2511 -27.83 -11.94 -7.30
CA TRP A 2511 -28.90 -12.90 -7.55
C TRP A 2511 -29.38 -12.84 -9.00
N SER A 2512 -29.28 -11.68 -9.63
CA SER A 2512 -29.55 -11.61 -11.06
C SER A 2512 -28.43 -12.28 -11.85
N GLU A 2513 -27.20 -12.19 -11.34
CA GLU A 2513 -26.07 -12.83 -11.99
C GLU A 2513 -26.14 -14.34 -11.87
N ASN A 2514 -26.49 -14.82 -10.67
CA ASN A 2514 -26.76 -16.25 -10.49
C ASN A 2514 -28.03 -16.67 -11.21
N PHE A 2515 -28.81 -15.71 -11.70
CA PHE A 2515 -29.98 -15.98 -12.52
C PHE A 2515 -29.61 -15.89 -13.99
N CYS A 2516 -30.42 -16.57 -14.81
CA CYS A 2516 -30.30 -16.60 -16.28
C CYS A 2516 -28.90 -16.97 -16.75
N ASP A 2517 -28.09 -17.51 -15.85
CA ASP A 2517 -26.96 -18.35 -16.23
C ASP A 2517 -27.33 -19.77 -15.81
N ARG A 2518 -28.10 -19.85 -14.72
CA ARG A 2518 -28.79 -21.07 -14.34
C ARG A 2518 -29.72 -21.48 -15.48
N ARG A 2519 -30.43 -20.50 -16.04
CA ARG A 2519 -31.35 -20.79 -17.15
C ARG A 2519 -30.61 -21.38 -18.33
N GLN A 2520 -29.46 -20.82 -18.67
CA GLN A 2520 -28.69 -21.36 -19.80
C GLN A 2520 -28.28 -22.79 -19.55
N LYS A 2521 -27.85 -23.10 -18.32
CA LYS A 2521 -27.55 -24.48 -17.98
C LYS A 2521 -28.78 -25.36 -18.11
N LEU A 2522 -29.95 -24.84 -17.72
CA LEU A 2522 -31.19 -25.60 -17.90
C LEU A 2522 -31.46 -25.90 -19.36
N TYR A 2523 -31.30 -24.89 -20.23
CA TYR A 2523 -31.47 -25.14 -21.66
C TYR A 2523 -30.47 -26.17 -22.15
N ASP A 2524 -29.25 -26.14 -21.62
CA ASP A 2524 -28.24 -27.10 -22.01
C ASP A 2524 -28.62 -28.52 -21.60
N LYS A 2525 -29.21 -28.67 -20.41
CA LYS A 2525 -29.52 -29.99 -19.87
C LYS A 2525 -30.50 -30.76 -20.75
N LEU A 2526 -31.73 -30.24 -20.87
CA LEU A 2526 -32.81 -31.01 -21.47
C LEU A 2526 -33.56 -30.27 -22.57
N ASN A 2527 -33.45 -28.94 -22.63
CA ASN A 2527 -34.01 -28.21 -23.76
C ASN A 2527 -33.14 -28.37 -25.00
N SER A 2528 -31.91 -28.84 -24.84
CA SER A 2528 -31.05 -29.05 -25.99
C SER A 2528 -31.63 -30.09 -26.94
N GLU A 2529 -32.14 -31.21 -26.40
CA GLU A 2529 -32.72 -32.23 -27.24
C GLU A 2529 -34.20 -32.01 -27.53
N CYS A 2530 -34.93 -31.31 -26.66
CA CYS A 2530 -36.34 -31.07 -26.91
C CYS A 2530 -36.83 -29.75 -26.31
N ILE A 2531 -37.17 -28.78 -27.16
CA ILE A 2531 -36.94 -28.95 -28.60
C ILE A 2531 -36.05 -27.83 -29.12
N SER A 2532 -36.58 -26.61 -29.14
CA SER A 2532 -35.76 -25.44 -29.45
C SER A 2532 -36.10 -24.28 -28.52
N ALA A 2533 -37.34 -24.22 -28.05
CA ALA A 2533 -37.82 -23.09 -27.28
C ALA A 2533 -38.96 -23.52 -26.36
N GLU A 2534 -39.69 -22.52 -25.87
CA GLU A 2534 -40.88 -22.78 -25.06
C GLU A 2534 -41.88 -23.65 -25.81
N CYS A 2535 -42.36 -24.70 -25.14
CA CYS A 2535 -43.30 -25.62 -25.76
C CYS A 2535 -44.65 -24.94 -25.92
N THR A 2536 -45.47 -25.46 -26.85
CA THR A 2536 -46.72 -24.82 -27.24
C THR A 2536 -47.90 -25.45 -26.50
N ASN A 2537 -47.63 -25.92 -25.28
CA ASN A 2537 -48.66 -26.41 -24.36
C ASN A 2537 -48.08 -26.31 -22.96
N GLY A 2538 -48.70 -27.02 -22.03
CA GLY A 2538 -48.14 -27.08 -20.69
C GLY A 2538 -46.69 -27.50 -20.73
N SER A 2539 -46.42 -28.78 -21.02
CA SER A 2539 -45.13 -29.22 -21.53
C SER A 2539 -45.18 -30.69 -21.95
N VAL A 2540 -44.82 -30.99 -23.20
CA VAL A 2540 -44.41 -32.34 -23.57
C VAL A 2540 -43.68 -32.34 -24.90
N ASP A 2541 -42.49 -32.95 -24.93
CA ASP A 2541 -41.99 -33.64 -26.11
C ASP A 2541 -41.39 -34.96 -25.67
N ASN A 2542 -40.84 -34.96 -24.45
CA ASN A 2542 -40.21 -36.11 -23.83
C ASN A 2542 -40.28 -35.92 -22.32
N SER A 2543 -40.19 -37.03 -21.59
CA SER A 2543 -40.24 -36.97 -20.14
C SER A 2543 -39.09 -36.19 -19.52
N LYS A 2544 -37.95 -36.10 -20.21
CA LYS A 2544 -36.80 -35.41 -19.64
C LYS A 2544 -37.01 -33.90 -19.62
N CYS A 2545 -37.16 -33.29 -20.80
CA CYS A 2545 -37.44 -31.86 -20.84
C CYS A 2545 -38.82 -31.53 -20.27
N THR A 2546 -39.70 -32.51 -20.10
CA THR A 2546 -40.86 -32.32 -19.25
C THR A 2546 -40.44 -31.91 -17.85
N HIS A 2547 -39.50 -32.66 -17.26
CA HIS A 2547 -38.98 -32.30 -15.94
C HIS A 2547 -38.16 -31.03 -15.99
N ALA A 2548 -37.53 -30.75 -17.14
CA ALA A 2548 -36.83 -29.48 -17.29
C ALA A 2548 -37.81 -28.32 -17.18
N CYS A 2549 -38.98 -28.45 -17.81
CA CYS A 2549 -40.01 -27.42 -17.68
C CYS A 2549 -40.51 -27.32 -16.24
N VAL A 2550 -40.57 -28.45 -15.54
CA VAL A 2550 -40.99 -28.43 -14.14
C VAL A 2550 -40.01 -27.61 -13.30
N ASN A 2551 -38.72 -27.92 -13.42
CA ASN A 2551 -37.70 -27.15 -12.73
C ASN A 2551 -37.76 -25.69 -13.16
N TYR A 2552 -38.02 -25.45 -14.45
CA TYR A 2552 -38.14 -24.10 -14.94
C TYR A 2552 -39.25 -23.34 -14.23
N LYS A 2553 -40.44 -23.93 -14.15
CA LYS A 2553 -41.57 -23.17 -13.61
C LYS A 2553 -41.43 -22.98 -12.10
N ASN A 2554 -40.89 -23.98 -11.40
CA ASN A 2554 -40.62 -23.79 -9.98
C ASN A 2554 -39.58 -22.69 -9.75
N TYR A 2555 -38.54 -22.69 -10.60
CA TYR A 2555 -37.49 -21.69 -10.48
C TYR A 2555 -38.05 -20.31 -10.75
N ILE A 2556 -38.95 -20.20 -11.75
CA ILE A 2556 -39.57 -18.92 -12.07
C ILE A 2556 -40.49 -18.48 -10.95
N LEU A 2557 -41.19 -19.41 -10.31
CA LEU A 2557 -42.02 -19.07 -9.16
C LEU A 2557 -41.18 -18.44 -8.06
N THR A 2558 -40.06 -19.08 -7.73
CA THR A 2558 -39.16 -18.52 -6.72
C THR A 2558 -38.64 -17.16 -7.17
N LYS A 2559 -38.29 -17.04 -8.45
CA LYS A 2559 -37.78 -15.77 -8.96
C LYS A 2559 -38.82 -14.68 -8.90
N LYS A 2560 -40.08 -15.01 -9.17
CA LYS A 2560 -41.11 -13.97 -9.14
C LYS A 2560 -41.35 -13.51 -7.71
N THR A 2561 -41.40 -14.45 -6.76
CA THR A 2561 -41.53 -14.04 -5.37
C THR A 2561 -40.38 -13.13 -4.95
N GLU A 2562 -39.15 -13.53 -5.22
CA GLU A 2562 -38.03 -12.69 -4.83
C GLU A 2562 -38.07 -11.37 -5.60
N TYR A 2563 -38.16 -11.42 -6.92
CA TYR A 2563 -38.21 -10.22 -7.74
C TYR A 2563 -39.23 -9.23 -7.19
N GLU A 2564 -40.40 -9.71 -6.78
CA GLU A 2564 -41.39 -8.84 -6.16
C GLU A 2564 -40.84 -8.20 -4.88
N ILE A 2565 -40.25 -9.01 -3.99
CA ILE A 2565 -39.85 -8.44 -2.71
C ILE A 2565 -38.69 -7.45 -2.89
N GLN A 2566 -37.73 -7.78 -3.77
CA GLN A 2566 -36.66 -6.83 -4.06
C GLN A 2566 -37.17 -5.57 -4.74
N THR A 2567 -38.17 -5.69 -5.63
CA THR A 2567 -38.70 -4.49 -6.27
C THR A 2567 -39.36 -3.56 -5.25
N ASN A 2568 -40.21 -4.10 -4.37
CA ASN A 2568 -40.84 -3.21 -3.40
C ASN A 2568 -39.81 -2.62 -2.45
N LYS A 2569 -38.87 -3.45 -1.99
CA LYS A 2569 -37.77 -2.96 -1.15
C LYS A 2569 -37.05 -1.80 -1.83
N TYR A 2570 -36.74 -1.96 -3.12
CA TYR A 2570 -36.03 -0.93 -3.87
C TYR A 2570 -36.85 0.35 -3.98
N ASP A 2571 -38.06 0.28 -4.53
CA ASP A 2571 -38.81 1.50 -4.79
C ASP A 2571 -39.13 2.22 -3.49
N ASN A 2572 -39.32 1.47 -2.41
CA ASN A 2572 -39.53 2.11 -1.12
C ASN A 2572 -38.28 2.83 -0.63
N GLU A 2573 -37.20 2.08 -0.38
CA GLU A 2573 -36.16 2.63 0.49
C GLU A 2573 -34.77 2.72 -0.16
N PHE A 2574 -34.58 2.11 -1.33
CA PHE A 2574 -33.40 2.46 -2.14
C PHE A 2574 -33.70 3.12 -3.47
N LYS A 2575 -34.92 3.58 -3.73
CA LYS A 2575 -35.16 4.20 -5.02
C LYS A 2575 -34.71 5.66 -5.05
N ASN A 2576 -33.98 6.01 -6.10
CA ASN A 2576 -33.69 7.39 -6.50
C ASN A 2576 -32.81 8.15 -5.50
N LYS A 2577 -32.18 7.45 -4.57
CA LYS A 2577 -31.08 8.02 -3.79
C LYS A 2577 -29.83 7.95 -4.65
N ASN A 2578 -29.06 9.04 -4.65
CA ASN A 2578 -28.02 9.31 -5.65
C ASN A 2578 -28.66 9.47 -7.02
N SER A 2579 -29.96 9.76 -7.04
CA SER A 2579 -30.71 10.08 -8.25
C SER A 2579 -30.54 9.00 -9.32
N ASN A 2580 -30.99 7.79 -8.99
CA ASN A 2580 -30.99 6.68 -9.94
C ASN A 2580 -32.37 6.60 -10.57
N ASP A 2581 -32.60 7.45 -11.57
CA ASP A 2581 -33.88 7.50 -12.26
C ASP A 2581 -34.00 6.30 -13.20
N LYS A 2582 -34.38 5.15 -12.64
CA LYS A 2582 -34.55 3.93 -13.39
C LYS A 2582 -35.15 2.85 -12.50
N ASP A 2583 -35.93 1.95 -13.09
CA ASP A 2583 -36.47 0.84 -12.32
C ASP A 2583 -35.38 -0.21 -12.07
N ALA A 2584 -35.64 -1.08 -11.11
CA ALA A 2584 -34.66 -2.09 -10.73
C ALA A 2584 -34.18 -2.93 -11.91
N PRO A 2585 -35.04 -3.41 -12.82
CA PRO A 2585 -34.53 -4.11 -14.01
C PRO A 2585 -33.62 -3.28 -14.89
N ASP A 2586 -33.84 -1.96 -15.00
CA ASP A 2586 -32.88 -1.13 -15.72
C ASP A 2586 -31.53 -1.13 -15.02
N TYR A 2587 -31.54 -1.08 -13.69
CA TYR A 2587 -30.29 -1.20 -12.93
C TYR A 2587 -29.62 -2.54 -13.23
N LEU A 2588 -30.41 -3.61 -13.28
CA LEU A 2588 -29.89 -4.92 -13.65
C LEU A 2588 -29.21 -4.87 -15.01
N LYS A 2589 -29.87 -4.26 -16.00
CA LYS A 2589 -29.29 -4.13 -17.33
C LYS A 2589 -27.97 -3.39 -17.30
N GLU A 2590 -27.96 -2.19 -16.70
CA GLU A 2590 -26.82 -1.30 -16.86
C GLU A 2590 -25.65 -1.71 -15.99
N LYS A 2591 -25.90 -2.31 -14.83
CA LYS A 2591 -24.79 -2.74 -13.98
C LYS A 2591 -24.18 -4.05 -14.47
N CYS A 2592 -24.99 -4.88 -15.13
CA CYS A 2592 -24.44 -6.08 -15.74
C CYS A 2592 -23.49 -5.74 -16.88
N ASN A 2593 -22.41 -6.51 -16.97
CA ASN A 2593 -21.47 -6.40 -18.06
C ASN A 2593 -21.07 -7.76 -18.62
N ASP A 2594 -21.37 -8.85 -17.93
CA ASP A 2594 -21.00 -10.17 -18.41
C ASP A 2594 -21.82 -10.57 -19.63
N ASN A 2595 -22.99 -9.97 -19.79
CA ASN A 2595 -23.99 -10.21 -20.84
C ASN A 2595 -24.71 -11.54 -20.64
N LYS A 2596 -24.29 -12.37 -19.68
CA LYS A 2596 -25.12 -13.49 -19.28
C LYS A 2596 -26.34 -13.02 -18.51
N CYS A 2597 -26.14 -12.12 -17.55
CA CYS A 2597 -27.21 -11.25 -17.07
C CYS A 2597 -27.54 -10.23 -18.15
N GLU A 2598 -28.45 -9.30 -17.83
CA GLU A 2598 -29.14 -8.43 -18.79
C GLU A 2598 -30.26 -9.19 -19.48
N CYS A 2599 -30.52 -10.42 -19.02
CA CYS A 2599 -31.67 -11.20 -19.44
C CYS A 2599 -32.96 -10.41 -19.16
N LEU A 2600 -33.89 -10.29 -20.12
CA LEU A 2600 -33.96 -10.92 -21.45
C LEU A 2600 -34.03 -12.45 -21.39
N ASN A 2601 -35.11 -12.96 -20.80
CA ASN A 2601 -35.36 -14.39 -20.70
C ASN A 2601 -36.04 -14.95 -21.95
N LYS A 2602 -36.22 -16.27 -21.98
CA LYS A 2602 -37.14 -16.92 -22.91
C LYS A 2602 -38.39 -17.27 -22.13
N HIS A 2603 -39.56 -17.08 -22.75
CA HIS A 2603 -40.79 -16.85 -22.00
C HIS A 2603 -40.58 -15.73 -20.99
N ILE A 2604 -40.26 -14.54 -21.51
CA ILE A 2604 -39.53 -13.52 -20.78
C ILE A 2604 -40.27 -13.11 -19.51
N ASP A 2605 -39.58 -13.25 -18.37
CA ASP A 2605 -40.08 -12.75 -17.10
C ASP A 2605 -39.04 -11.79 -16.53
N ASP A 2606 -37.80 -11.98 -16.93
CA ASP A 2606 -36.74 -11.04 -16.60
C ASP A 2606 -36.36 -10.22 -17.82
N LYS A 2607 -36.45 -8.90 -17.68
CA LYS A 2607 -36.19 -7.95 -18.75
C LYS A 2607 -35.94 -6.59 -18.12
N ASN A 2608 -35.95 -5.52 -18.91
CA ASN A 2608 -35.84 -4.17 -18.37
C ASN A 2608 -37.18 -3.66 -17.84
N LYS A 2609 -38.25 -4.40 -18.03
CA LYS A 2609 -39.58 -4.00 -17.60
C LYS A 2609 -40.33 -5.22 -17.05
N THR A 2610 -41.64 -5.12 -16.89
CA THR A 2610 -42.45 -6.25 -16.49
C THR A 2610 -43.82 -6.15 -17.14
N TRP A 2611 -44.40 -7.33 -17.40
CA TRP A 2611 -45.67 -7.49 -18.10
C TRP A 2611 -46.82 -6.92 -17.28
N LYS A 2612 -48.04 -7.14 -17.76
CA LYS A 2612 -49.21 -6.46 -17.21
C LYS A 2612 -49.05 -4.95 -17.38
N ASN A 2613 -49.21 -4.46 -18.63
CA ASN A 2613 -48.73 -3.16 -19.09
C ASN A 2613 -47.20 -3.20 -19.12
N PRO A 2614 -46.63 -3.83 -20.16
CA PRO A 2614 -45.21 -4.23 -20.13
C PRO A 2614 -44.22 -3.07 -20.12
N TYR A 2615 -44.69 -1.84 -19.92
CA TYR A 2615 -43.81 -0.70 -19.69
C TYR A 2615 -43.21 -0.82 -18.30
N GLU A 2616 -42.23 0.03 -18.01
CA GLU A 2616 -41.49 -0.06 -16.76
C GLU A 2616 -42.31 0.49 -15.59
N THR A 2617 -41.70 0.45 -14.41
CA THR A 2617 -42.33 0.85 -13.15
C THR A 2617 -41.29 1.42 -12.20
N LEU A 2618 -41.60 1.43 -10.90
CA LEU A 2618 -40.61 1.67 -9.85
C LEU A 2618 -39.91 3.02 -9.96
N GLU A 2619 -40.65 4.11 -9.80
CA GLU A 2619 -40.05 5.44 -9.71
C GLU A 2619 -40.49 6.09 -8.41
N ASP A 2620 -39.61 6.91 -7.85
CA ASP A 2620 -39.91 7.60 -6.60
C ASP A 2620 -39.29 8.99 -6.58
N THR A 2621 -39.90 9.91 -5.83
CA THR A 2621 -39.43 11.29 -5.71
C THR A 2621 -40.15 11.92 -4.52
N PHE A 2622 -39.91 13.21 -4.30
CA PHE A 2622 -40.54 13.93 -3.20
C PHE A 2622 -41.51 14.97 -3.73
#